data_3NBF
#
_entry.id   3NBF
#
_cell.length_a   60.648
_cell.length_b   60.676
_cell.length_c   74.085
_cell.angle_alpha   68.90
_cell.angle_beta   77.29
_cell.angle_gamma   72.64
#
_symmetry.space_group_name_H-M   'P 1'
#
loop_
_entity.id
_entity.type
_entity.pdbx_description
1 polymer 'Heat resistant RNA dependent ATPase'
2 non-polymer '[(2R,3S,4R,5R)-5-(6-azanyl-8-oxo-7H-purin-9-yl)-3,4-dihydroxy-oxolan-2-yl]methyl phosphono hydrogen phosphate'
3 non-polymer '[(2R,3S,4R,5R)-5-(6-azanyl-8-oxo-7H-purin-9-yl)-3,4-dihydroxy-oxolan-2-yl]methyl dihydrogen phosphate'
4 water water
#
_entity_poly.entity_id   1
_entity_poly.type   'polypeptide(L)'
_entity_poly.pdbx_seq_one_letter_code
;MEFKDFPLKPEILEALHGRGLTTPTPIEAAALPLALEGKDLIGQARTGTGKTLAFALPIAERLAPSQERGRKPRALVLTP
TRELALQVASELTAVAPHLKVVAVYGGTGYGKQKEALLRGADAVVATPGRALDYLRQGVLDLSRVEVAVLDEADEMLSMG
FEEEVEALLSATPPSRQTLLFSATLPSWAKRLAERYMKNPVLINVIK
;
_entity_poly.pdbx_strand_id   A,B,C,D
#
loop_
_chem_comp.id
_chem_comp.type
_chem_comp.name
_chem_comp.formula
8OD non-polymer '[(2R,3S,4R,5R)-5-(6-azanyl-8-oxo-7H-purin-9-yl)-3,4-dihydroxy-oxolan-2-yl]methyl phosphono hydrogen phosphate' 'C10 H15 N5 O11 P2'
8OP non-polymer '[(2R,3S,4R,5R)-5-(6-azanyl-8-oxo-7H-purin-9-yl)-3,4-dihydroxy-oxolan-2-yl]methyl dihydrogen phosphate' 'C10 H14 N5 O8 P'
#
# COMPACT_ATOMS: atom_id res chain seq x y z
N MET A 1 -16.55 13.45 -6.71
CA MET A 1 -17.90 13.18 -7.17
C MET A 1 -18.82 12.91 -5.98
N GLU A 2 -20.09 13.33 -6.09
CA GLU A 2 -21.13 12.92 -5.16
C GLU A 2 -21.99 11.91 -5.88
N PHE A 3 -22.88 11.23 -5.15
CA PHE A 3 -23.76 10.25 -5.78
C PHE A 3 -24.61 10.85 -6.88
N LYS A 4 -25.06 12.09 -6.68
CA LYS A 4 -25.89 12.77 -7.68
C LYS A 4 -25.19 12.88 -9.03
N ASP A 5 -23.86 12.85 -9.01
CA ASP A 5 -23.07 13.04 -10.22
C ASP A 5 -23.13 11.82 -11.14
N PHE A 6 -23.56 10.68 -10.59
CA PHE A 6 -23.68 9.44 -11.36
C PHE A 6 -25.04 9.34 -12.04
N PRO A 7 -25.10 8.59 -13.14
CA PRO A 7 -26.32 8.33 -13.91
C PRO A 7 -27.15 7.24 -13.24
N LEU A 8 -27.90 7.62 -12.22
CA LEU A 8 -28.70 6.67 -11.44
C LEU A 8 -30.17 7.05 -11.54
N LYS A 9 -31.05 6.05 -11.44
CA LYS A 9 -32.49 6.30 -11.51
C LYS A 9 -32.89 7.35 -10.47
N PRO A 10 -33.91 8.16 -10.78
CA PRO A 10 -34.33 9.17 -9.81
C PRO A 10 -34.72 8.57 -8.45
N GLU A 11 -35.37 7.39 -8.47
CA GLU A 11 -35.79 6.74 -7.23
C GLU A 11 -34.60 6.33 -6.39
N ILE A 12 -33.49 6.01 -7.05
CA ILE A 12 -32.30 5.64 -6.33
C ILE A 12 -31.64 6.86 -5.72
N LEU A 13 -31.55 7.93 -6.51
CA LEU A 13 -31.01 9.19 -6.01
C LEU A 13 -31.83 9.72 -4.84
N GLU A 14 -33.14 9.61 -4.91
CA GLU A 14 -34.00 10.00 -3.81
C GLU A 14 -33.72 9.17 -2.56
N ALA A 15 -33.59 7.86 -2.74
CA ALA A 15 -33.24 6.96 -1.66
C ALA A 15 -31.94 7.37 -0.96
N LEU A 16 -30.90 7.60 -1.74
CA LEU A 16 -29.60 8.05 -1.20
C LEU A 16 -29.74 9.32 -0.40
N HIS A 17 -30.36 10.32 -1.01
CA HIS A 17 -30.42 11.66 -0.42
C HIS A 17 -31.20 11.62 0.89
N GLY A 18 -32.28 10.85 0.88
CA GLY A 18 -33.13 10.71 2.06
C GLY A 18 -32.42 10.06 3.22
N ARG A 19 -31.31 9.38 2.94
CA ARG A 19 -30.50 8.76 4.00
C ARG A 19 -29.20 9.51 4.24
N GLY A 20 -29.04 10.68 3.63
CA GLY A 20 -27.84 11.47 3.80
C GLY A 20 -26.59 10.78 3.26
N LEU A 21 -26.77 9.80 2.40
CA LEU A 21 -25.66 9.22 1.65
C LEU A 21 -25.35 10.15 0.47
N THR A 22 -24.27 10.92 0.57
CA THR A 22 -23.94 11.91 -0.44
C THR A 22 -22.63 11.65 -1.16
N THR A 23 -21.67 11.07 -0.43
CA THR A 23 -20.28 11.04 -0.85
C THR A 23 -19.73 9.60 -0.95
N PRO A 24 -19.42 9.12 -2.17
CA PRO A 24 -18.83 7.78 -2.27
C PRO A 24 -17.46 7.75 -1.62
N THR A 25 -17.12 6.66 -0.94
CA THR A 25 -15.77 6.50 -0.41
C THR A 25 -14.82 6.42 -1.62
N PRO A 26 -13.50 6.49 -1.37
CA PRO A 26 -12.56 6.44 -2.50
C PRO A 26 -12.73 5.23 -3.43
N ILE A 27 -12.90 4.02 -2.89
CA ILE A 27 -13.09 2.85 -3.76
C ILE A 27 -14.45 2.92 -4.48
N GLU A 28 -15.48 3.41 -3.80
CA GLU A 28 -16.77 3.56 -4.50
C GLU A 28 -16.63 4.56 -5.65
N ALA A 29 -15.96 5.68 -5.40
CA ALA A 29 -15.82 6.69 -6.44
C ALA A 29 -15.06 6.11 -7.63
N ALA A 30 -14.02 5.33 -7.34
CA ALA A 30 -13.18 4.78 -8.42
C ALA A 30 -13.85 3.64 -9.19
N ALA A 31 -14.63 2.83 -8.50
CA ALA A 31 -15.19 1.62 -9.12
C ALA A 31 -16.59 1.75 -9.72
N LEU A 32 -17.40 2.68 -9.23
CA LEU A 32 -18.77 2.80 -9.72
C LEU A 32 -18.92 2.89 -11.23
N PRO A 33 -18.08 3.70 -11.90
CA PRO A 33 -18.26 3.87 -13.35
C PRO A 33 -18.16 2.57 -14.14
N LEU A 34 -17.14 1.75 -13.88
CA LEU A 34 -17.07 0.44 -14.53
C LEU A 34 -18.22 -0.47 -14.12
N ALA A 35 -18.55 -0.50 -12.83
CA ALA A 35 -19.56 -1.41 -12.34
C ALA A 35 -20.89 -1.08 -12.98
N LEU A 36 -21.21 0.22 -13.03
CA LEU A 36 -22.48 0.67 -13.63
C LEU A 36 -22.55 0.29 -15.09
N GLU A 37 -21.43 0.32 -15.80
CA GLU A 37 -21.49 -0.06 -17.20
C GLU A 37 -21.37 -1.57 -17.44
N GLY A 38 -21.47 -2.34 -16.35
CA GLY A 38 -21.54 -3.80 -16.47
C GLY A 38 -20.22 -4.57 -16.56
N LYS A 39 -19.09 -3.93 -16.29
CA LYS A 39 -17.76 -4.54 -16.49
C LYS A 39 -17.31 -5.30 -15.25
N ASP A 40 -16.40 -6.28 -15.41
CA ASP A 40 -15.91 -7.02 -14.25
C ASP A 40 -14.81 -6.23 -13.60
N LEU A 41 -14.78 -6.24 -12.27
CA LEU A 41 -13.74 -5.48 -11.62
C LEU A 41 -13.34 -6.08 -10.30
N ILE A 42 -12.12 -5.78 -9.91
CA ILE A 42 -11.62 -6.16 -8.61
C ILE A 42 -11.35 -4.84 -7.88
N GLY A 43 -11.99 -4.65 -6.73
CA GLY A 43 -11.82 -3.43 -5.95
C GLY A 43 -11.03 -3.73 -4.69
N GLN A 44 -9.92 -3.04 -4.54
CA GLN A 44 -9.01 -3.33 -3.45
C GLN A 44 -8.89 -2.09 -2.57
N ALA A 45 -9.22 -2.25 -1.30
CA ALA A 45 -9.11 -1.20 -0.28
C ALA A 45 -9.02 -1.90 1.08
N ARG A 46 -8.48 -1.22 2.10
CA ARG A 46 -8.28 -1.87 3.40
C ARG A 46 -9.57 -2.44 3.99
N THR A 47 -9.46 -3.57 4.68
CA THR A 47 -10.61 -4.40 5.02
C THR A 47 -11.65 -3.69 5.91
N GLY A 48 -12.93 -3.88 5.56
CA GLY A 48 -14.02 -3.33 6.35
C GLY A 48 -14.48 -1.93 5.97
N THR A 49 -13.58 -1.09 5.46
CA THR A 49 -13.96 0.28 5.11
C THR A 49 -15.12 0.26 4.14
N GLY A 50 -15.77 1.40 3.97
CA GLY A 50 -17.03 1.45 3.26
C GLY A 50 -16.86 1.23 1.78
N LYS A 51 -17.53 0.22 1.26
CA LYS A 51 -17.51 -0.07 -0.15
C LYS A 51 -18.83 -0.66 -0.62
N THR A 52 -19.84 -0.68 0.24
CA THR A 52 -21.05 -1.41 -0.09
C THR A 52 -21.77 -0.84 -1.29
N LEU A 53 -21.75 0.48 -1.44
CA LEU A 53 -22.47 1.11 -2.54
C LEU A 53 -21.80 0.85 -3.89
N ALA A 54 -20.54 0.40 -3.88
CA ALA A 54 -19.85 0.11 -5.13
C ALA A 54 -20.50 -1.08 -5.84
N PHE A 55 -21.19 -1.93 -5.10
CA PHE A 55 -21.92 -3.04 -5.72
C PHE A 55 -23.43 -2.92 -5.53
N ALA A 56 -23.87 -2.26 -4.45
CA ALA A 56 -25.31 -2.10 -4.23
C ALA A 56 -25.99 -1.23 -5.29
N LEU A 57 -25.34 -0.12 -5.68
CA LEU A 57 -25.96 0.77 -6.67
C LEU A 57 -25.95 0.16 -8.07
N PRO A 58 -24.85 -0.52 -8.45
CA PRO A 58 -24.93 -1.23 -9.73
C PRO A 58 -26.07 -2.27 -9.76
N ILE A 59 -26.26 -3.03 -8.69
CA ILE A 59 -27.38 -3.98 -8.66
C ILE A 59 -28.73 -3.27 -8.72
N ALA A 60 -28.88 -2.20 -7.94
CA ALA A 60 -30.11 -1.41 -7.93
C ALA A 60 -30.45 -0.86 -9.32
N GLU A 61 -29.45 -0.37 -10.03
CA GLU A 61 -29.62 0.24 -11.35
C GLU A 61 -29.81 -0.79 -12.47
N ARG A 62 -29.18 -1.94 -12.33
CA ARG A 62 -29.25 -2.95 -13.38
C ARG A 62 -30.56 -3.72 -13.42
N LEU A 63 -31.09 -4.05 -12.25
CA LEU A 63 -32.26 -4.92 -12.20
C LEU A 63 -33.58 -4.15 -12.21
N ALA A 64 -34.48 -4.55 -13.10
CA ALA A 64 -35.84 -4.03 -13.09
C ALA A 64 -36.68 -4.88 -12.16
N PRO A 65 -37.70 -4.28 -11.53
CA PRO A 65 -38.57 -5.02 -10.61
C PRO A 65 -39.23 -6.21 -11.28
N SER A 66 -39.68 -7.18 -10.51
CA SER A 66 -40.51 -8.26 -11.02
C SER A 66 -41.52 -8.69 -9.99
N GLN A 67 -42.65 -9.21 -10.47
CA GLN A 67 -43.74 -9.64 -9.62
C GLN A 67 -43.86 -11.16 -9.59
N GLU A 68 -43.20 -11.82 -10.52
CA GLU A 68 -43.39 -13.23 -10.65
C GLU A 68 -43.14 -13.87 -9.32
N ARG A 69 -44.14 -14.60 -8.86
CA ARG A 69 -44.02 -15.42 -7.66
C ARG A 69 -43.06 -16.58 -7.90
N GLY A 70 -42.17 -16.81 -6.92
CA GLY A 70 -41.24 -17.91 -6.99
C GLY A 70 -39.99 -17.65 -7.84
N ARG A 71 -39.84 -16.43 -8.32
CA ARG A 71 -38.74 -16.05 -9.21
C ARG A 71 -37.37 -16.25 -8.57
N LYS A 72 -36.37 -16.52 -9.40
CA LYS A 72 -35.00 -16.76 -8.95
C LYS A 72 -34.20 -15.46 -8.93
N PRO A 73 -33.25 -15.34 -7.99
CA PRO A 73 -32.50 -14.08 -7.85
C PRO A 73 -31.65 -13.74 -9.08
N ARG A 74 -31.59 -12.46 -9.41
CA ARG A 74 -30.74 -12.00 -10.52
C ARG A 74 -29.42 -11.42 -10.02
N ALA A 75 -29.24 -11.41 -8.71
CA ALA A 75 -27.98 -10.94 -8.14
C ALA A 75 -27.68 -11.76 -6.91
N LEU A 76 -26.40 -12.01 -6.69
CA LEU A 76 -25.93 -12.78 -5.55
C LEU A 76 -24.77 -12.01 -4.95
N VAL A 77 -24.81 -11.77 -3.65
CA VAL A 77 -23.68 -11.19 -2.96
C VAL A 77 -23.26 -12.18 -1.90
N LEU A 78 -22.00 -12.57 -1.91
CA LEU A 78 -21.50 -13.44 -0.86
C LEU A 78 -20.62 -12.70 0.13
N THR A 79 -20.84 -12.96 1.41
CA THR A 79 -20.07 -12.37 2.49
C THR A 79 -19.51 -13.45 3.39
N PRO A 80 -18.38 -13.18 4.05
CA PRO A 80 -17.75 -14.16 4.95
C PRO A 80 -18.53 -14.40 6.26
N THR A 81 -19.15 -13.36 6.80
CA THR A 81 -19.81 -13.49 8.10
C THR A 81 -21.32 -13.21 8.07
N ARG A 82 -22.04 -13.76 9.05
CA ARG A 82 -23.46 -13.51 9.19
C ARG A 82 -23.75 -12.01 9.40
N GLU A 83 -22.96 -11.37 10.26
CA GLU A 83 -23.18 -9.96 10.52
C GLU A 83 -22.95 -9.11 9.27
N LEU A 84 -22.04 -9.53 8.40
CA LEU A 84 -21.84 -8.77 7.16
C LEU A 84 -22.98 -9.02 6.16
N ALA A 85 -23.45 -10.27 6.07
CA ALA A 85 -24.64 -10.52 5.24
C ALA A 85 -25.82 -9.61 5.65
N LEU A 86 -26.05 -9.51 6.96
CA LEU A 86 -27.15 -8.72 7.48
C LEU A 86 -26.98 -7.22 7.19
N GLN A 87 -25.80 -6.68 7.47
CA GLN A 87 -25.50 -5.30 7.13
C GLN A 87 -25.75 -4.99 5.66
N VAL A 88 -25.16 -5.79 4.78
CA VAL A 88 -25.28 -5.56 3.35
C VAL A 88 -26.70 -5.71 2.85
N ALA A 89 -27.41 -6.75 3.31
CA ALA A 89 -28.82 -6.88 2.93
C ALA A 89 -29.61 -5.61 3.27
N SER A 90 -29.43 -5.07 4.47
CA SER A 90 -30.22 -3.90 4.86
C SER A 90 -29.86 -2.70 4.00
N GLU A 91 -28.58 -2.53 3.73
CA GLU A 91 -28.09 -1.47 2.85
C GLU A 91 -28.66 -1.57 1.44
N LEU A 92 -28.51 -2.76 0.86
CA LEU A 92 -29.06 -3.04 -0.47
C LEU A 92 -30.57 -2.80 -0.50
N THR A 93 -31.26 -3.31 0.53
CA THR A 93 -32.69 -3.07 0.66
C THR A 93 -33.00 -1.57 0.59
N ALA A 94 -32.18 -0.78 1.27
CA ALA A 94 -32.41 0.65 1.37
C ALA A 94 -32.27 1.37 0.03
N VAL A 95 -31.25 1.03 -0.75
CA VAL A 95 -31.02 1.72 -2.02
C VAL A 95 -31.66 1.05 -3.23
N ALA A 96 -32.24 -0.12 -3.01
CA ALA A 96 -32.95 -0.83 -4.07
C ALA A 96 -34.36 -1.21 -3.61
N PRO A 97 -35.18 -0.19 -3.31
CA PRO A 97 -36.55 -0.37 -2.82
C PRO A 97 -37.45 -1.13 -3.80
N HIS A 98 -37.08 -1.14 -5.07
CA HIS A 98 -37.86 -1.83 -6.10
C HIS A 98 -37.55 -3.33 -6.19
N LEU A 99 -36.57 -3.78 -5.40
CA LEU A 99 -36.14 -5.18 -5.43
C LEU A 99 -36.47 -5.89 -4.12
N LYS A 100 -36.67 -7.21 -4.18
CA LYS A 100 -36.84 -8.00 -2.97
C LYS A 100 -35.49 -8.62 -2.61
N VAL A 101 -34.89 -8.14 -1.53
CA VAL A 101 -33.60 -8.65 -1.08
C VAL A 101 -33.83 -9.68 0.01
N VAL A 102 -33.18 -10.84 -0.12
CA VAL A 102 -33.25 -11.87 0.91
C VAL A 102 -31.87 -12.15 1.53
N ALA A 103 -31.78 -12.04 2.85
CA ALA A 103 -30.54 -12.38 3.55
C ALA A 103 -30.51 -13.85 3.90
N VAL A 104 -29.42 -14.51 3.53
CA VAL A 104 -29.26 -15.94 3.74
C VAL A 104 -27.98 -16.17 4.57
N TYR A 105 -28.13 -16.75 5.74
CA TYR A 105 -27.01 -16.86 6.68
C TYR A 105 -27.25 -17.95 7.71
N GLY A 106 -26.17 -18.52 8.21
CA GLY A 106 -26.29 -19.61 9.17
C GLY A 106 -26.69 -19.16 10.57
N GLY A 107 -26.80 -20.15 11.47
CA GLY A 107 -27.02 -19.90 12.88
C GLY A 107 -28.46 -19.69 13.30
N THR A 108 -29.37 -19.61 12.33
CA THR A 108 -30.78 -19.35 12.65
C THR A 108 -31.69 -19.61 11.46
N GLY A 109 -32.93 -19.96 11.79
CA GLY A 109 -34.03 -19.99 10.82
C GLY A 109 -33.80 -20.59 9.45
N TYR A 110 -33.59 -21.91 9.41
CA TYR A 110 -33.56 -22.65 8.15
C TYR A 110 -34.86 -22.46 7.34
N GLY A 111 -35.99 -22.58 8.01
CA GLY A 111 -37.28 -22.54 7.34
C GLY A 111 -37.70 -21.18 6.85
N LYS A 112 -37.43 -20.16 7.66
CA LYS A 112 -37.80 -18.79 7.32
C LYS A 112 -37.07 -18.37 6.03
N GLN A 113 -35.76 -18.55 6.01
CA GLN A 113 -34.98 -18.21 4.80
C GLN A 113 -35.42 -19.04 3.59
N LYS A 114 -35.64 -20.34 3.80
CA LYS A 114 -36.12 -21.21 2.73
C LYS A 114 -37.44 -20.71 2.14
N GLU A 115 -38.41 -20.40 2.99
CA GLU A 115 -39.72 -19.95 2.53
C GLU A 115 -39.62 -18.60 1.82
N ALA A 116 -38.70 -17.74 2.27
CA ALA A 116 -38.48 -16.47 1.60
C ALA A 116 -37.97 -16.71 0.18
N LEU A 117 -37.11 -17.72 0.02
CA LEU A 117 -36.55 -18.04 -1.29
C LEU A 117 -37.58 -18.64 -2.23
N LEU A 118 -38.53 -19.38 -1.66
CA LEU A 118 -39.56 -20.02 -2.47
C LEU A 118 -40.62 -19.01 -2.89
N ARG A 119 -40.84 -17.99 -2.06
CA ARG A 119 -41.76 -16.93 -2.40
C ARG A 119 -41.21 -16.11 -3.56
N GLY A 120 -39.87 -16.08 -3.68
CA GLY A 120 -39.20 -15.41 -4.78
C GLY A 120 -38.26 -14.30 -4.33
N ALA A 121 -37.19 -14.08 -5.09
CA ALA A 121 -36.21 -13.06 -4.74
C ALA A 121 -35.53 -12.45 -5.95
N ASP A 122 -35.05 -11.22 -5.80
CA ASP A 122 -34.33 -10.52 -6.85
C ASP A 122 -32.83 -10.49 -6.54
N ALA A 123 -32.51 -10.37 -5.26
CA ALA A 123 -31.12 -10.35 -4.81
C ALA A 123 -30.97 -11.17 -3.55
N VAL A 124 -29.96 -12.03 -3.52
CA VAL A 124 -29.67 -12.79 -2.32
C VAL A 124 -28.31 -12.34 -1.79
N VAL A 125 -28.25 -11.99 -0.51
CA VAL A 125 -27.00 -11.68 0.18
C VAL A 125 -26.73 -12.83 1.16
N ALA A 126 -25.64 -13.57 0.95
CA ALA A 126 -25.45 -14.86 1.63
C ALA A 126 -24.06 -15.12 2.17
N THR A 127 -24.00 -15.90 3.24
CA THR A 127 -22.76 -16.52 3.69
C THR A 127 -22.63 -17.85 2.94
N PRO A 128 -21.40 -18.26 2.63
CA PRO A 128 -21.21 -19.38 1.69
C PRO A 128 -21.70 -20.73 2.22
N GLY A 129 -21.56 -20.98 3.51
CA GLY A 129 -21.99 -22.24 4.09
C GLY A 129 -23.48 -22.45 3.95
N ARG A 130 -24.25 -21.56 4.56
CA ARG A 130 -25.71 -21.62 4.45
C ARG A 130 -26.16 -21.63 2.98
N ALA A 131 -25.59 -20.76 2.15
CA ALA A 131 -25.95 -20.68 0.73
C ALA A 131 -25.73 -22.00 -0.05
N LEU A 132 -24.66 -22.71 0.29
CA LEU A 132 -24.38 -23.97 -0.40
C LEU A 132 -25.39 -25.03 0.07
N ASP A 133 -25.74 -24.99 1.35
CA ASP A 133 -26.78 -25.86 1.87
C ASP A 133 -28.01 -25.73 1.00
N TYR A 134 -28.47 -24.49 0.81
CA TYR A 134 -29.66 -24.24 0.01
C TYR A 134 -29.46 -24.55 -1.49
N LEU A 135 -28.28 -24.28 -2.02
CA LEU A 135 -28.00 -24.61 -3.42
C LEU A 135 -28.22 -26.10 -3.66
N ARG A 136 -27.60 -26.91 -2.81
CA ARG A 136 -27.66 -28.35 -2.94
C ARG A 136 -29.07 -28.90 -2.70
N GLN A 137 -29.82 -28.27 -1.80
CA GLN A 137 -31.21 -28.67 -1.56
C GLN A 137 -32.10 -28.36 -2.76
N GLY A 138 -31.64 -27.47 -3.64
CA GLY A 138 -32.44 -27.03 -4.77
C GLY A 138 -33.33 -25.83 -4.43
N VAL A 139 -33.16 -25.29 -3.23
CA VAL A 139 -33.94 -24.14 -2.78
C VAL A 139 -33.42 -22.83 -3.36
N LEU A 140 -32.10 -22.66 -3.31
CA LEU A 140 -31.46 -21.51 -3.93
C LEU A 140 -31.08 -21.86 -5.36
N ASP A 141 -31.67 -21.14 -6.31
CA ASP A 141 -31.41 -21.37 -7.73
C ASP A 141 -30.62 -20.19 -8.28
N LEU A 142 -29.41 -20.46 -8.80
CA LEU A 142 -28.51 -19.40 -9.20
C LEU A 142 -28.38 -19.27 -10.71
N SER A 143 -29.27 -19.94 -11.44
CA SER A 143 -29.16 -19.99 -12.89
C SER A 143 -29.57 -18.70 -13.60
N ARG A 144 -30.08 -17.72 -12.85
CA ARG A 144 -30.49 -16.45 -13.46
C ARG A 144 -29.67 -15.26 -12.96
N VAL A 145 -28.59 -15.55 -12.22
CA VAL A 145 -27.73 -14.49 -11.69
C VAL A 145 -27.02 -13.69 -12.79
N GLU A 146 -27.23 -12.37 -12.80
CA GLU A 146 -26.61 -11.46 -13.75
C GLU A 146 -25.43 -10.73 -13.10
N VAL A 147 -25.53 -10.48 -11.80
CA VAL A 147 -24.44 -9.86 -11.05
C VAL A 147 -24.05 -10.75 -9.89
N ALA A 148 -22.78 -11.13 -9.82
CA ALA A 148 -22.29 -11.87 -8.66
C ALA A 148 -21.20 -11.05 -8.00
N VAL A 149 -21.27 -10.93 -6.67
CA VAL A 149 -20.30 -10.14 -5.92
C VAL A 149 -19.64 -10.97 -4.80
N LEU A 150 -18.31 -10.89 -4.67
CA LEU A 150 -17.66 -11.51 -3.53
C LEU A 150 -17.16 -10.39 -2.66
N ASP A 151 -17.75 -10.27 -1.48
CA ASP A 151 -17.46 -9.15 -0.61
C ASP A 151 -16.42 -9.58 0.43
N GLU A 152 -15.22 -9.02 0.31
CA GLU A 152 -14.09 -9.44 1.14
C GLU A 152 -13.59 -10.86 0.87
N ALA A 153 -13.10 -11.08 -0.35
CA ALA A 153 -12.68 -12.43 -0.78
C ALA A 153 -11.62 -13.02 0.13
N ASP A 154 -10.72 -12.18 0.61
CA ASP A 154 -9.61 -12.68 1.42
C ASP A 154 -10.07 -13.20 2.79
N GLU A 155 -11.21 -12.70 3.28
CA GLU A 155 -11.75 -13.18 4.54
C GLU A 155 -12.51 -14.49 4.35
N MET A 156 -13.10 -14.65 3.18
CA MET A 156 -13.78 -15.91 2.87
C MET A 156 -12.76 -17.05 2.86
N LEU A 157 -11.60 -16.78 2.26
CA LEU A 157 -10.51 -17.75 2.24
C LEU A 157 -10.04 -18.03 3.66
N SER A 158 -9.99 -17.00 4.49
CA SER A 158 -9.58 -17.17 5.89
C SER A 158 -10.59 -18.02 6.66
N MET A 159 -11.88 -17.76 6.46
CA MET A 159 -12.96 -18.48 7.15
C MET A 159 -13.22 -19.90 6.62
N GLY A 160 -12.44 -20.32 5.62
CA GLY A 160 -12.51 -21.69 5.12
C GLY A 160 -13.57 -21.97 4.06
N PHE A 161 -14.05 -20.94 3.38
CA PHE A 161 -15.12 -21.10 2.39
C PHE A 161 -14.60 -21.10 0.95
N GLU A 162 -13.31 -21.37 0.79
CA GLU A 162 -12.68 -21.49 -0.52
C GLU A 162 -13.52 -22.33 -1.49
N GLU A 163 -13.85 -23.54 -1.08
CA GLU A 163 -14.56 -24.48 -1.94
C GLU A 163 -16.01 -24.06 -2.14
N GLU A 164 -16.67 -23.68 -1.05
CA GLU A 164 -18.06 -23.24 -1.11
C GLU A 164 -18.24 -22.07 -2.08
N VAL A 165 -17.34 -21.10 -2.04
CA VAL A 165 -17.40 -19.96 -2.94
C VAL A 165 -17.25 -20.39 -4.40
N GLU A 166 -16.24 -21.22 -4.68
CA GLU A 166 -16.07 -21.75 -6.02
C GLU A 166 -17.31 -22.49 -6.50
N ALA A 167 -17.92 -23.26 -5.60
CA ALA A 167 -19.14 -23.99 -5.96
C ALA A 167 -20.33 -23.06 -6.24
N LEU A 168 -20.45 -21.98 -5.48
CA LEU A 168 -21.55 -21.04 -5.73
C LEU A 168 -21.34 -20.29 -7.04
N LEU A 169 -20.13 -19.77 -7.27
CA LEU A 169 -19.84 -19.09 -8.51
C LEU A 169 -20.03 -19.99 -9.73
N SER A 170 -19.71 -21.26 -9.57
CA SER A 170 -19.87 -22.22 -10.66
C SER A 170 -21.32 -22.46 -11.04
N ALA A 171 -22.21 -22.28 -10.08
CA ALA A 171 -23.62 -22.48 -10.32
C ALA A 171 -24.26 -21.28 -11.03
N THR A 172 -23.54 -20.15 -11.09
CA THR A 172 -24.01 -18.96 -11.83
C THR A 172 -23.51 -19.00 -13.28
N PRO A 173 -24.29 -18.45 -14.22
CA PRO A 173 -23.85 -18.44 -15.62
C PRO A 173 -22.69 -17.47 -15.86
N PRO A 174 -21.75 -17.86 -16.76
CA PRO A 174 -20.55 -17.07 -17.06
C PRO A 174 -20.89 -15.75 -17.74
N SER A 175 -22.11 -15.62 -18.21
CA SER A 175 -22.58 -14.37 -18.81
C SER A 175 -22.72 -13.25 -17.77
N ARG A 176 -22.65 -13.60 -16.49
CA ARG A 176 -22.84 -12.65 -15.42
C ARG A 176 -21.74 -11.58 -15.41
N GLN A 177 -22.03 -10.45 -14.77
CA GLN A 177 -21.01 -9.51 -14.33
C GLN A 177 -20.49 -10.01 -12.98
N THR A 178 -19.18 -9.93 -12.78
CA THR A 178 -18.60 -10.37 -11.51
C THR A 178 -17.78 -9.24 -10.89
N LEU A 179 -18.09 -8.94 -9.63
CA LEU A 179 -17.39 -7.92 -8.86
C LEU A 179 -16.75 -8.58 -7.65
N LEU A 180 -15.45 -8.35 -7.48
CA LEU A 180 -14.70 -8.94 -6.38
C LEU A 180 -14.03 -7.86 -5.51
N PHE A 181 -14.36 -7.82 -4.23
CA PHE A 181 -13.73 -6.84 -3.34
C PHE A 181 -12.87 -7.52 -2.30
N SER A 182 -11.65 -7.02 -2.13
CA SER A 182 -10.74 -7.59 -1.15
C SER A 182 -9.56 -6.67 -0.86
N ALA A 183 -9.18 -6.57 0.41
CA ALA A 183 -8.04 -5.73 0.78
C ALA A 183 -6.74 -6.33 0.23
N THR A 184 -6.63 -7.66 0.28
CA THR A 184 -5.45 -8.33 -0.26
C THR A 184 -5.87 -9.37 -1.28
N LEU A 185 -4.95 -9.74 -2.16
CA LEU A 185 -5.26 -10.77 -3.11
C LEU A 185 -4.32 -11.94 -2.91
N PRO A 186 -4.70 -12.88 -2.07
CA PRO A 186 -3.90 -14.08 -1.95
C PRO A 186 -3.97 -14.88 -3.26
N SER A 187 -3.17 -15.91 -3.35
CA SER A 187 -3.10 -16.75 -4.54
C SER A 187 -4.47 -17.23 -4.99
N TRP A 188 -5.25 -17.74 -4.05
CA TRP A 188 -6.60 -18.21 -4.36
C TRP A 188 -7.47 -17.15 -5.02
N ALA A 189 -7.37 -15.92 -4.55
CA ALA A 189 -8.20 -14.86 -5.11
C ALA A 189 -7.77 -14.44 -6.50
N LYS A 190 -6.46 -14.42 -6.73
CA LYS A 190 -5.96 -14.15 -8.07
C LYS A 190 -6.44 -15.24 -9.03
N ARG A 191 -6.37 -16.48 -8.57
CA ARG A 191 -6.85 -17.63 -9.36
C ARG A 191 -8.33 -17.46 -9.65
N LEU A 192 -9.05 -16.96 -8.66
CA LEU A 192 -10.46 -16.65 -8.86
C LEU A 192 -10.67 -15.63 -9.97
N ALA A 193 -9.92 -14.53 -9.92
CA ALA A 193 -10.04 -13.49 -10.92
C ALA A 193 -9.66 -14.02 -12.30
N GLU A 194 -8.65 -14.87 -12.33
CA GLU A 194 -8.16 -15.37 -13.61
C GLU A 194 -9.21 -16.23 -14.31
N ARG A 195 -9.92 -17.05 -13.54
CA ARG A 195 -10.76 -18.09 -14.13
C ARG A 195 -12.25 -17.85 -14.02
N TYR A 196 -12.66 -16.83 -13.28
CA TYR A 196 -14.06 -16.57 -13.07
C TYR A 196 -14.48 -15.17 -13.47
N MET A 197 -13.53 -14.38 -13.96
CA MET A 197 -13.88 -13.05 -14.38
C MET A 197 -13.47 -12.81 -15.83
N LYS A 198 -14.17 -11.90 -16.49
CA LYS A 198 -13.93 -11.57 -17.89
C LYS A 198 -13.27 -10.21 -18.02
N ASN A 199 -12.03 -10.20 -18.50
CA ASN A 199 -11.28 -8.96 -18.70
C ASN A 199 -11.45 -7.94 -17.54
N PRO A 200 -11.22 -8.38 -16.30
CA PRO A 200 -11.46 -7.51 -15.12
C PRO A 200 -10.47 -6.36 -15.07
N VAL A 201 -10.89 -5.26 -14.47
CA VAL A 201 -9.98 -4.16 -14.22
C VAL A 201 -9.75 -4.17 -12.73
N LEU A 202 -8.51 -4.11 -12.31
CA LEU A 202 -8.23 -4.07 -10.89
C LEU A 202 -8.18 -2.60 -10.47
N ILE A 203 -8.88 -2.24 -9.41
CA ILE A 203 -8.88 -0.86 -8.95
C ILE A 203 -8.43 -0.84 -7.49
N ASN A 204 -7.26 -0.27 -7.25
CA ASN A 204 -6.67 -0.38 -5.92
C ASN A 204 -6.40 1.01 -5.34
N VAL A 205 -7.15 1.36 -4.30
CA VAL A 205 -7.09 2.68 -3.70
C VAL A 205 -6.32 2.66 -2.40
N ILE A 206 -5.67 1.54 -2.11
CA ILE A 206 -4.84 1.44 -0.93
C ILE A 206 -3.72 2.47 -1.05
N LYS A 207 -3.39 2.82 -2.30
CA LYS A 207 -2.44 3.88 -2.64
C LYS A 207 -1.04 3.32 -2.85
N GLU B 2 -18.33 5.45 -25.68
CA GLU B 2 -17.67 6.22 -26.73
C GLU B 2 -17.25 7.59 -26.20
N PHE B 3 -16.28 8.23 -26.87
CA PHE B 3 -15.75 9.49 -26.35
C PHE B 3 -16.81 10.56 -26.14
N LYS B 4 -17.79 10.62 -27.04
CA LYS B 4 -18.90 11.57 -26.88
C LYS B 4 -19.64 11.37 -25.54
N ASP B 5 -19.54 10.17 -24.99
CA ASP B 5 -20.16 9.86 -23.70
C ASP B 5 -19.53 10.69 -22.59
N PHE B 6 -18.21 10.83 -22.65
CA PHE B 6 -17.48 11.60 -21.64
C PHE B 6 -17.80 13.09 -21.69
N PRO B 7 -17.51 13.81 -20.60
CA PRO B 7 -17.77 15.24 -20.52
C PRO B 7 -16.56 16.04 -21.04
N LEU B 8 -16.49 16.22 -22.36
CA LEU B 8 -15.37 16.90 -22.99
C LEU B 8 -15.87 18.04 -23.85
N LYS B 9 -15.11 19.13 -23.89
CA LYS B 9 -15.49 20.30 -24.65
C LYS B 9 -15.70 19.90 -26.10
N PRO B 10 -16.64 20.58 -26.75
CA PRO B 10 -17.01 20.31 -28.15
C PRO B 10 -15.83 20.33 -29.11
N GLU B 11 -14.90 21.27 -28.92
CA GLU B 11 -13.70 21.35 -29.74
C GLU B 11 -12.92 20.04 -29.67
N ILE B 12 -12.80 19.51 -28.47
CA ILE B 12 -12.11 18.23 -28.24
C ILE B 12 -12.85 17.08 -28.93
N LEU B 13 -14.15 17.01 -28.71
CA LEU B 13 -14.93 15.96 -29.36
C LEU B 13 -14.84 16.09 -30.89
N GLU B 14 -14.92 17.32 -31.37
CA GLU B 14 -14.70 17.61 -32.78
C GLU B 14 -13.37 17.02 -33.24
N ALA B 15 -12.31 17.34 -32.51
CA ALA B 15 -10.98 16.88 -32.86
C ALA B 15 -10.94 15.36 -32.89
N LEU B 16 -11.52 14.72 -31.87
CA LEU B 16 -11.57 13.26 -31.83
C LEU B 16 -12.40 12.71 -32.98
N HIS B 17 -13.58 13.29 -33.16
CA HIS B 17 -14.50 12.91 -34.23
C HIS B 17 -13.83 13.06 -35.58
N GLY B 18 -13.15 14.19 -35.79
CA GLY B 18 -12.47 14.45 -37.04
C GLY B 18 -11.39 13.43 -37.34
N ARG B 19 -10.93 12.73 -36.30
CA ARG B 19 -9.77 11.84 -36.45
C ARG B 19 -10.11 10.35 -36.38
N GLY B 20 -11.39 10.03 -36.17
CA GLY B 20 -11.82 8.65 -36.13
C GLY B 20 -11.81 8.02 -34.75
N LEU B 21 -11.11 8.65 -33.81
CA LEU B 21 -11.10 8.17 -32.44
C LEU B 21 -12.49 8.28 -31.84
N THR B 22 -13.15 7.14 -31.66
CA THR B 22 -14.51 7.14 -31.08
C THR B 22 -14.60 6.30 -29.81
N THR B 23 -13.78 5.26 -29.70
CA THR B 23 -13.89 4.31 -28.61
C THR B 23 -12.61 4.19 -27.77
N PRO B 24 -12.70 4.57 -26.49
CA PRO B 24 -11.50 4.44 -25.66
C PRO B 24 -11.15 2.98 -25.50
N THR B 25 -9.86 2.68 -25.43
CA THR B 25 -9.42 1.33 -25.09
C THR B 25 -9.85 1.02 -23.66
N PRO B 26 -9.76 -0.26 -23.25
CA PRO B 26 -10.14 -0.59 -21.88
C PRO B 26 -9.42 0.25 -20.80
N ILE B 27 -8.12 0.49 -20.94
CA ILE B 27 -7.41 1.29 -19.92
C ILE B 27 -7.84 2.77 -19.92
N GLU B 28 -8.04 3.33 -21.10
CA GLU B 28 -8.59 4.69 -21.24
C GLU B 28 -9.97 4.81 -20.60
N ALA B 29 -10.88 3.89 -20.91
CA ALA B 29 -12.22 3.96 -20.36
C ALA B 29 -12.18 3.87 -18.85
N ALA B 30 -11.27 3.05 -18.34
CA ALA B 30 -11.15 2.83 -16.91
C ALA B 30 -10.53 4.06 -16.22
N ALA B 31 -9.51 4.64 -16.84
CA ALA B 31 -8.74 5.74 -16.22
C ALA B 31 -9.35 7.14 -16.43
N LEU B 32 -10.06 7.33 -17.53
CA LEU B 32 -10.54 8.67 -17.87
C LEU B 32 -11.31 9.41 -16.77
N PRO B 33 -12.29 8.73 -16.14
CA PRO B 33 -13.11 9.40 -15.12
C PRO B 33 -12.31 10.04 -13.98
N LEU B 34 -11.37 9.30 -13.41
CA LEU B 34 -10.58 9.83 -12.30
C LEU B 34 -9.61 10.89 -12.79
N ALA B 35 -9.03 10.68 -13.97
CA ALA B 35 -8.08 11.65 -14.54
C ALA B 35 -8.75 12.99 -14.88
N LEU B 36 -9.92 12.90 -15.48
CA LEU B 36 -10.70 14.09 -15.83
C LEU B 36 -11.13 14.86 -14.59
N GLU B 37 -11.23 14.16 -13.47
CA GLU B 37 -11.62 14.76 -12.21
C GLU B 37 -10.42 15.25 -11.40
N GLY B 38 -9.24 15.27 -12.02
CA GLY B 38 -8.07 15.88 -11.39
C GLY B 38 -7.29 14.98 -10.44
N LYS B 39 -7.70 13.72 -10.31
CA LYS B 39 -7.09 12.80 -9.34
C LYS B 39 -5.82 12.11 -9.86
N ASP B 40 -4.90 11.77 -8.96
CA ASP B 40 -3.67 11.08 -9.34
C ASP B 40 -3.98 9.64 -9.59
N LEU B 41 -3.33 9.05 -10.59
CA LEU B 41 -3.55 7.64 -10.86
C LEU B 41 -2.36 6.97 -11.53
N ILE B 42 -2.33 5.65 -11.36
CA ILE B 42 -1.37 4.79 -12.02
C ILE B 42 -2.16 3.91 -12.97
N GLY B 43 -1.85 4.00 -14.26
CA GLY B 43 -2.54 3.19 -15.24
C GLY B 43 -1.61 2.11 -15.76
N GLN B 44 -2.04 0.86 -15.60
CA GLN B 44 -1.18 -0.25 -15.97
C GLN B 44 -1.95 -1.16 -16.95
N ALA B 45 -1.41 -1.36 -18.14
CA ALA B 45 -2.02 -2.31 -19.07
C ALA B 45 -0.96 -2.82 -20.04
N ARG B 46 -1.24 -3.94 -20.70
CA ARG B 46 -0.30 -4.56 -21.63
CA ARG B 46 -0.26 -4.54 -21.61
C ARG B 46 0.08 -3.58 -22.74
N THR B 47 1.37 -3.48 -23.06
CA THR B 47 1.78 -2.59 -24.15
C THR B 47 1.13 -3.01 -25.47
N GLY B 48 0.87 -2.02 -26.32
CA GLY B 48 0.31 -2.29 -27.64
C GLY B 48 -1.21 -2.22 -27.70
N THR B 49 -1.83 -1.78 -26.60
CA THR B 49 -3.29 -1.63 -26.58
C THR B 49 -3.72 -0.18 -26.84
N GLY B 50 -2.94 0.78 -26.36
CA GLY B 50 -3.23 2.19 -26.55
C GLY B 50 -3.75 2.85 -25.28
N LYS B 51 -3.05 3.88 -24.81
CA LYS B 51 -3.47 4.61 -23.62
C LYS B 51 -3.21 6.11 -23.64
N THR B 52 -2.78 6.63 -24.77
CA THR B 52 -2.39 8.03 -24.86
C THR B 52 -3.54 8.96 -24.54
N LEU B 53 -4.76 8.58 -24.88
CA LEU B 53 -5.88 9.48 -24.64
C LEU B 53 -6.24 9.58 -23.16
N ALA B 54 -5.66 8.69 -22.35
CA ALA B 54 -5.95 8.67 -20.93
C ALA B 54 -5.30 9.85 -20.21
N PHE B 55 -4.22 10.39 -20.76
CA PHE B 55 -3.66 11.60 -20.20
C PHE B 55 -3.83 12.82 -21.12
N ALA B 56 -3.92 12.62 -22.43
CA ALA B 56 -4.05 13.73 -23.36
C ALA B 56 -5.41 14.41 -23.31
N LEU B 57 -6.48 13.63 -23.14
CA LEU B 57 -7.78 14.26 -23.06
C LEU B 57 -7.90 15.09 -21.78
N PRO B 58 -7.46 14.54 -20.64
CA PRO B 58 -7.47 15.34 -19.40
C PRO B 58 -6.60 16.60 -19.45
N ILE B 59 -5.48 16.57 -20.16
CA ILE B 59 -4.71 17.81 -20.37
C ILE B 59 -5.50 18.77 -21.25
N ALA B 60 -5.98 18.27 -22.39
CA ALA B 60 -6.82 19.07 -23.26
C ALA B 60 -7.94 19.77 -22.47
N GLU B 61 -8.63 19.00 -21.64
CA GLU B 61 -9.81 19.48 -20.92
C GLU B 61 -9.49 20.43 -19.76
N ARG B 62 -8.44 20.13 -19.00
CA ARG B 62 -8.14 20.91 -17.79
C ARG B 62 -7.62 22.31 -18.09
N LEU B 63 -6.95 22.47 -19.22
CA LEU B 63 -6.22 23.70 -19.52
C LEU B 63 -6.97 24.64 -20.44
N ALA B 64 -7.24 25.84 -19.93
CA ALA B 64 -7.77 26.92 -20.76
C ALA B 64 -6.65 27.45 -21.63
N PRO B 65 -6.98 27.91 -22.86
CA PRO B 65 -5.95 28.45 -23.76
C PRO B 65 -5.32 29.75 -23.24
N SER B 66 -4.18 30.13 -23.83
CA SER B 66 -3.49 31.37 -23.48
C SER B 66 -2.66 31.85 -24.67
N GLN B 67 -2.44 33.17 -24.74
CA GLN B 67 -1.64 33.76 -25.82
C GLN B 67 -0.44 34.55 -25.29
N GLU B 68 -0.27 34.52 -23.97
CA GLU B 68 0.83 35.22 -23.32
C GLU B 68 2.20 34.76 -23.82
N ARG B 69 2.95 35.65 -24.47
CA ARG B 69 4.29 35.29 -24.93
C ARG B 69 5.22 34.95 -23.78
N GLY B 70 6.04 33.93 -23.96
CA GLY B 70 6.96 33.48 -22.95
C GLY B 70 6.32 32.68 -21.82
N ARG B 71 5.03 32.37 -21.95
CA ARG B 71 4.35 31.63 -20.88
C ARG B 71 5.03 30.29 -20.56
N LYS B 72 4.94 29.87 -19.31
CA LYS B 72 5.50 28.57 -18.90
C LYS B 72 4.46 27.49 -19.14
N PRO B 73 4.92 26.27 -19.44
CA PRO B 73 3.98 25.17 -19.69
C PRO B 73 3.21 24.78 -18.44
N ARG B 74 1.93 24.47 -18.61
CA ARG B 74 1.11 23.97 -17.53
C ARG B 74 0.92 22.45 -17.52
N ALA B 75 1.55 21.76 -18.48
CA ALA B 75 1.51 20.30 -18.51
C ALA B 75 2.83 19.77 -19.04
N LEU B 76 3.30 18.69 -18.43
CA LEU B 76 4.57 18.08 -18.82
C LEU B 76 4.33 16.58 -19.01
N VAL B 77 4.66 16.05 -20.19
CA VAL B 77 4.63 14.60 -20.39
C VAL B 77 6.04 14.13 -20.64
N LEU B 78 6.51 13.18 -19.82
CA LEU B 78 7.83 12.59 -20.00
C LEU B 78 7.72 11.21 -20.63
N THR B 79 8.52 10.98 -21.68
CA THR B 79 8.54 9.71 -22.40
C THR B 79 9.98 9.24 -22.45
N PRO B 80 10.19 7.92 -22.52
CA PRO B 80 11.57 7.42 -22.47
C PRO B 80 12.33 7.57 -23.79
N THR B 81 11.63 7.68 -24.92
CA THR B 81 12.30 7.75 -26.21
C THR B 81 11.87 8.94 -27.07
N ARG B 82 12.74 9.32 -28.00
CA ARG B 82 12.46 10.41 -28.92
C ARG B 82 11.26 10.11 -29.80
N GLU B 83 11.18 8.87 -30.31
CA GLU B 83 10.07 8.50 -31.18
C GLU B 83 8.72 8.53 -30.45
N LEU B 84 8.70 8.12 -29.19
CA LEU B 84 7.46 8.21 -28.41
C LEU B 84 7.09 9.67 -28.08
N ALA B 85 8.08 10.51 -27.78
CA ALA B 85 7.82 11.93 -27.57
C ALA B 85 7.13 12.55 -28.78
N LEU B 86 7.60 12.24 -29.98
CA LEU B 86 6.96 12.77 -31.20
C LEU B 86 5.55 12.21 -31.44
N GLN B 87 5.37 10.92 -31.20
CA GLN B 87 4.05 10.29 -31.36
C GLN B 87 3.07 10.92 -30.38
N VAL B 88 3.49 11.05 -29.12
CA VAL B 88 2.63 11.65 -28.11
C VAL B 88 2.38 13.14 -28.38
N ALA B 89 3.40 13.88 -28.80
CA ALA B 89 3.21 15.30 -29.07
C ALA B 89 2.24 15.51 -30.23
N SER B 90 2.28 14.57 -31.19
CA SER B 90 1.40 14.60 -32.34
C SER B 90 -0.06 14.35 -31.94
N GLU B 91 -0.27 13.34 -31.11
CA GLU B 91 -1.61 13.05 -30.59
C GLU B 91 -2.14 14.22 -29.77
N LEU B 92 -1.35 14.70 -28.83
CA LEU B 92 -1.80 15.77 -27.95
C LEU B 92 -2.12 17.05 -28.73
N THR B 93 -1.27 17.38 -29.71
CA THR B 93 -1.47 18.54 -30.57
C THR B 93 -2.80 18.48 -31.30
N ALA B 94 -3.19 17.28 -31.72
CA ALA B 94 -4.44 17.05 -32.46
C ALA B 94 -5.71 17.06 -31.59
N VAL B 95 -5.62 16.68 -30.32
CA VAL B 95 -6.82 16.68 -29.46
C VAL B 95 -6.90 17.94 -28.58
N ALA B 96 -5.82 18.72 -28.55
CA ALA B 96 -5.85 19.96 -27.81
C ALA B 96 -5.44 21.02 -28.81
N PRO B 97 -6.32 21.26 -29.76
CA PRO B 97 -6.01 22.25 -30.80
C PRO B 97 -5.88 23.65 -30.21
N HIS B 98 -6.47 23.88 -29.03
CA HIS B 98 -6.39 25.18 -28.38
C HIS B 98 -5.11 25.42 -27.60
N LEU B 99 -4.27 24.41 -27.47
CA LEU B 99 -3.03 24.55 -26.70
C LEU B 99 -1.82 24.58 -27.64
N LYS B 100 -0.74 25.23 -27.21
CA LYS B 100 0.54 25.10 -27.90
C LYS B 100 1.36 23.99 -27.25
N VAL B 101 1.57 22.91 -28.01
CA VAL B 101 2.30 21.75 -27.52
C VAL B 101 3.68 21.76 -28.16
N VAL B 102 4.71 21.61 -27.34
CA VAL B 102 6.09 21.60 -27.85
C VAL B 102 6.78 20.30 -27.47
N ALA B 103 7.35 19.61 -28.45
CA ALA B 103 8.11 18.38 -28.21
C ALA B 103 9.58 18.67 -27.98
N VAL B 104 10.10 18.17 -26.86
CA VAL B 104 11.48 18.37 -26.46
C VAL B 104 12.15 16.99 -26.43
N TYR B 105 13.20 16.83 -27.23
CA TYR B 105 13.89 15.53 -27.37
C TYR B 105 15.27 15.72 -27.99
N GLY B 106 16.19 14.83 -27.68
CA GLY B 106 17.57 14.98 -28.11
C GLY B 106 17.79 14.62 -29.58
N GLY B 107 19.03 14.77 -30.04
CA GLY B 107 19.43 14.40 -31.38
C GLY B 107 19.25 15.46 -32.44
N THR B 108 18.48 16.49 -32.14
CA THR B 108 18.18 17.52 -33.14
C THR B 108 17.57 18.76 -32.47
N GLY B 109 17.52 19.85 -33.21
CA GLY B 109 16.81 21.05 -32.81
C GLY B 109 17.21 21.64 -31.47
N TYR B 110 18.47 21.52 -31.06
CA TYR B 110 18.83 22.08 -29.77
C TYR B 110 18.44 23.57 -29.70
N GLY B 111 18.58 24.26 -30.82
CA GLY B 111 18.27 25.68 -30.86
C GLY B 111 16.80 25.95 -31.08
N LYS B 112 16.21 25.20 -32.01
CA LYS B 112 14.82 25.38 -32.38
C LYS B 112 13.86 25.07 -31.23
N GLN B 113 14.12 24.00 -30.49
CA GLN B 113 13.25 23.66 -29.37
C GLN B 113 13.35 24.73 -28.27
N LYS B 114 14.58 25.19 -28.03
CA LYS B 114 14.82 26.29 -27.11
C LYS B 114 13.98 27.52 -27.46
N GLU B 115 14.02 27.90 -28.74
CA GLU B 115 13.29 29.07 -29.21
C GLU B 115 11.80 28.88 -28.98
N ALA B 116 11.30 27.71 -29.34
CA ALA B 116 9.91 27.33 -29.13
C ALA B 116 9.49 27.55 -27.68
N LEU B 117 10.27 27.04 -26.74
CA LEU B 117 9.98 27.17 -25.33
C LEU B 117 10.01 28.64 -24.89
N LEU B 118 10.94 29.41 -25.44
CA LEU B 118 11.05 30.82 -25.11
C LEU B 118 9.82 31.62 -25.59
N ARG B 119 9.37 31.34 -26.82
CA ARG B 119 8.16 31.99 -27.34
C ARG B 119 6.96 31.72 -26.46
N GLY B 120 6.86 30.49 -25.95
CA GLY B 120 5.74 30.12 -25.11
C GLY B 120 5.26 28.71 -25.36
N ALA B 121 4.77 28.06 -24.31
CA ALA B 121 4.20 26.73 -24.45
C ALA B 121 3.16 26.44 -23.38
N ASP B 122 2.17 25.63 -23.73
CA ASP B 122 1.17 25.21 -22.78
C ASP B 122 1.45 23.81 -22.25
N ALA B 123 1.91 22.93 -23.12
CA ALA B 123 2.24 21.56 -22.76
C ALA B 123 3.55 21.14 -23.38
N VAL B 124 4.40 20.50 -22.60
CA VAL B 124 5.65 19.98 -23.11
C VAL B 124 5.67 18.45 -23.08
N VAL B 125 6.04 17.82 -24.20
CA VAL B 125 6.24 16.38 -24.25
C VAL B 125 7.74 16.19 -24.48
N ALA B 126 8.40 15.52 -23.54
CA ALA B 126 9.86 15.57 -23.52
C ALA B 126 10.48 14.22 -23.16
N THR B 127 11.65 13.95 -23.73
CA THR B 127 12.53 12.90 -23.22
C THR B 127 13.35 13.53 -22.09
N PRO B 128 13.75 12.72 -21.09
CA PRO B 128 14.34 13.29 -19.87
C PRO B 128 15.72 13.94 -20.07
N GLY B 129 16.51 13.44 -21.03
CA GLY B 129 17.84 13.98 -21.29
C GLY B 129 17.83 15.44 -21.69
N ARG B 130 17.18 15.71 -22.83
CA ARG B 130 17.08 17.06 -23.37
C ARG B 130 16.31 17.94 -22.39
N ALA B 131 15.25 17.41 -21.80
CA ALA B 131 14.47 18.20 -20.86
C ALA B 131 15.30 18.65 -19.66
N LEU B 132 16.12 17.77 -19.11
CA LEU B 132 16.90 18.15 -17.95
C LEU B 132 17.95 19.21 -18.32
N ASP B 133 18.50 19.09 -19.52
CA ASP B 133 19.39 20.12 -20.06
C ASP B 133 18.75 21.50 -19.95
N TYR B 134 17.58 21.66 -20.58
CA TYR B 134 16.89 22.95 -20.57
C TYR B 134 16.41 23.35 -19.17
N LEU B 135 16.10 22.36 -18.34
CA LEU B 135 15.74 22.67 -16.96
C LEU B 135 16.92 23.40 -16.30
N ARG B 136 18.12 22.82 -16.43
CA ARG B 136 19.31 23.38 -15.82
C ARG B 136 19.67 24.75 -16.40
N GLN B 137 19.32 24.97 -17.66
CA GLN B 137 19.58 26.26 -18.30
C GLN B 137 18.51 27.32 -18.01
N GLY B 138 17.44 26.93 -17.35
CA GLY B 138 16.36 27.85 -17.07
C GLY B 138 15.50 28.12 -18.29
N VAL B 139 15.77 27.38 -19.37
CA VAL B 139 14.98 27.47 -20.59
C VAL B 139 13.62 26.80 -20.39
N LEU B 140 13.62 25.61 -19.81
CA LEU B 140 12.38 24.92 -19.47
C LEU B 140 12.00 25.25 -18.02
N ASP B 141 10.88 25.97 -17.87
CA ASP B 141 10.44 26.38 -16.55
C ASP B 141 9.24 25.52 -16.17
N LEU B 142 9.35 24.76 -15.08
CA LEU B 142 8.29 23.82 -14.72
C LEU B 142 7.46 24.28 -13.52
N SER B 143 7.67 25.51 -13.08
CA SER B 143 6.97 26.03 -11.90
C SER B 143 5.46 26.21 -12.06
N ARG B 144 4.96 26.20 -13.30
CA ARG B 144 3.51 26.36 -13.52
C ARG B 144 2.83 25.05 -13.94
N VAL B 145 3.49 23.91 -13.73
CA VAL B 145 2.91 22.66 -14.20
C VAL B 145 1.76 22.22 -13.31
N GLU B 146 0.61 21.99 -13.92
CA GLU B 146 -0.59 21.53 -13.24
C GLU B 146 -0.85 20.04 -13.42
N VAL B 147 -0.32 19.46 -14.51
CA VAL B 147 -0.48 18.04 -14.79
C VAL B 147 0.87 17.48 -15.20
N ALA B 148 1.41 16.53 -14.45
CA ALA B 148 2.62 15.85 -14.91
C ALA B 148 2.32 14.38 -15.21
N VAL B 149 2.86 13.88 -16.32
CA VAL B 149 2.57 12.52 -16.76
C VAL B 149 3.88 11.77 -16.99
N LEU B 150 3.99 10.58 -16.41
CA LEU B 150 5.13 9.74 -16.68
C LEU B 150 4.65 8.63 -17.61
N ASP B 151 5.08 8.67 -18.86
CA ASP B 151 4.60 7.70 -19.83
C ASP B 151 5.61 6.56 -20.00
N GLU B 152 5.19 5.33 -19.74
CA GLU B 152 6.06 4.16 -19.76
C GLU B 152 7.17 4.19 -18.72
N ALA B 153 6.78 4.28 -17.46
CA ALA B 153 7.70 4.42 -16.35
C ALA B 153 8.72 3.27 -16.34
N ASP B 154 8.26 2.08 -16.68
CA ASP B 154 9.09 0.87 -16.83
CA ASP B 154 9.18 0.95 -16.67
C ASP B 154 10.31 1.10 -17.70
N GLU B 155 10.02 1.67 -18.87
CA GLU B 155 11.06 1.91 -19.88
C GLU B 155 12.03 2.97 -19.45
N MET B 156 11.54 3.99 -18.75
CA MET B 156 12.43 5.07 -18.32
C MET B 156 13.46 4.47 -17.36
N LEU B 157 13.00 3.54 -16.53
CA LEU B 157 13.88 2.83 -15.63
C LEU B 157 14.93 2.05 -16.40
N SER B 158 14.50 1.20 -17.34
CA SER B 158 15.43 0.39 -18.10
C SER B 158 16.44 1.23 -18.88
N MET B 159 16.01 2.39 -19.37
CA MET B 159 16.90 3.29 -20.09
C MET B 159 17.85 4.08 -19.17
N GLY B 160 17.66 3.92 -17.86
CA GLY B 160 18.51 4.61 -16.89
C GLY B 160 18.24 6.10 -16.74
N PHE B 161 16.97 6.51 -16.74
CA PHE B 161 16.63 7.92 -16.60
C PHE B 161 16.06 8.26 -15.23
N GLU B 162 16.27 7.39 -14.25
CA GLU B 162 15.60 7.55 -12.96
C GLU B 162 15.94 8.90 -12.36
N GLU B 163 17.20 9.28 -12.51
CA GLU B 163 17.72 10.50 -11.90
C GLU B 163 17.13 11.72 -12.58
N GLU B 164 17.09 11.69 -13.91
CA GLU B 164 16.53 12.79 -14.69
C GLU B 164 15.05 12.92 -14.40
N VAL B 165 14.33 11.80 -14.42
CA VAL B 165 12.91 11.86 -14.14
C VAL B 165 12.65 12.50 -12.76
N GLU B 166 13.37 12.06 -11.75
CA GLU B 166 13.10 12.60 -10.42
C GLU B 166 13.43 14.09 -10.31
N ALA B 167 14.48 14.52 -11.00
CA ALA B 167 14.87 15.91 -11.00
C ALA B 167 13.79 16.74 -11.68
N LEU B 168 13.26 16.23 -12.79
CA LEU B 168 12.21 16.92 -13.51
C LEU B 168 10.92 17.02 -12.69
N LEU B 169 10.50 15.92 -12.07
CA LEU B 169 9.30 15.94 -11.24
C LEU B 169 9.48 16.84 -10.02
N SER B 170 10.67 16.82 -9.45
CA SER B 170 10.95 17.62 -8.26
C SER B 170 10.88 19.11 -8.55
N ALA B 171 10.94 19.47 -9.83
CA ALA B 171 10.90 20.88 -10.24
C ALA B 171 9.48 21.37 -10.51
N THR B 172 8.51 20.45 -10.47
CA THR B 172 7.12 20.83 -10.64
C THR B 172 6.52 21.05 -9.26
N PRO B 173 5.46 21.87 -9.19
CA PRO B 173 4.77 22.08 -7.91
C PRO B 173 3.94 20.87 -7.47
N PRO B 174 4.04 20.48 -6.19
CA PRO B 174 3.31 19.33 -5.65
C PRO B 174 1.79 19.51 -5.68
N SER B 175 1.31 20.69 -6.06
CA SER B 175 -0.12 20.91 -6.23
C SER B 175 -0.59 20.27 -7.52
N ARG B 176 0.36 19.88 -8.36
CA ARG B 176 0.06 19.23 -9.63
C ARG B 176 -0.78 17.95 -9.47
N GLN B 177 -1.47 17.58 -10.54
CA GLN B 177 -1.98 16.24 -10.73
C GLN B 177 -0.85 15.42 -11.38
N THR B 178 -0.62 14.20 -10.87
CA THR B 178 0.39 13.31 -11.47
C THR B 178 -0.29 12.06 -12.00
N LEU B 179 0.07 11.67 -13.23
CA LEU B 179 -0.42 10.43 -13.83
C LEU B 179 0.77 9.59 -14.21
N LEU B 180 0.74 8.31 -13.87
CA LEU B 180 1.85 7.41 -14.19
C LEU B 180 1.35 6.21 -14.97
N PHE B 181 1.97 5.93 -16.12
CA PHE B 181 1.50 4.82 -16.94
C PHE B 181 2.66 3.86 -17.14
N SER B 182 2.39 2.57 -16.98
CA SER B 182 3.45 1.57 -17.05
C SER B 182 2.90 0.16 -17.11
N ALA B 183 3.34 -0.64 -18.08
CA ALA B 183 2.89 -2.03 -18.18
C ALA B 183 3.23 -2.83 -16.92
N THR B 184 4.42 -2.58 -16.37
CA THR B 184 4.81 -3.23 -15.11
C THR B 184 5.14 -2.17 -14.06
N LEU B 185 5.25 -2.59 -12.80
CA LEU B 185 5.47 -1.62 -11.74
C LEU B 185 6.67 -2.02 -10.89
N PRO B 186 7.89 -1.78 -11.42
CA PRO B 186 9.12 -2.12 -10.68
C PRO B 186 9.22 -1.28 -9.42
N SER B 187 10.05 -1.69 -8.47
CA SER B 187 10.12 -0.99 -7.20
C SER B 187 10.39 0.52 -7.35
N TRP B 188 11.16 0.90 -8.35
CA TRP B 188 11.41 2.32 -8.59
C TRP B 188 10.11 3.10 -8.78
N ALA B 189 9.18 2.51 -9.55
CA ALA B 189 7.95 3.22 -9.89
C ALA B 189 6.98 3.28 -8.72
N LYS B 190 6.96 2.23 -7.89
CA LYS B 190 6.17 2.26 -6.66
C LYS B 190 6.65 3.39 -5.77
N ARG B 191 7.97 3.61 -5.75
CA ARG B 191 8.59 4.66 -4.95
C ARG B 191 8.26 6.06 -5.48
N LEU B 192 8.41 6.24 -6.79
CA LEU B 192 7.91 7.45 -7.43
C LEU B 192 6.49 7.71 -6.98
N ALA B 193 5.67 6.67 -7.02
CA ALA B 193 4.30 6.77 -6.57
C ALA B 193 4.24 7.27 -5.13
N GLU B 194 5.02 6.65 -4.24
CA GLU B 194 5.01 7.05 -2.83
C GLU B 194 5.43 8.49 -2.64
N ARG B 195 6.45 8.90 -3.40
CA ARG B 195 7.11 10.19 -3.19
C ARG B 195 6.52 11.35 -3.99
N TYR B 196 5.92 11.05 -5.15
CA TYR B 196 5.49 12.14 -6.03
C TYR B 196 4.01 12.19 -6.34
N MET B 197 3.25 11.29 -5.76
CA MET B 197 1.83 11.25 -6.07
C MET B 197 0.98 11.38 -4.82
N LYS B 198 -0.29 11.73 -4.99
CA LYS B 198 -1.14 12.00 -3.86
C LYS B 198 -2.30 11.02 -3.81
N ASN B 199 -2.19 10.03 -2.93
CA ASN B 199 -3.21 8.99 -2.82
C ASN B 199 -3.61 8.47 -4.19
N PRO B 200 -2.63 7.98 -4.98
CA PRO B 200 -3.00 7.58 -6.34
C PRO B 200 -3.88 6.34 -6.35
N VAL B 201 -4.82 6.28 -7.28
CA VAL B 201 -5.54 5.05 -7.52
C VAL B 201 -4.80 4.21 -8.56
N LEU B 202 -4.54 2.95 -8.26
CA LEU B 202 -3.95 2.05 -9.24
C LEU B 202 -5.10 1.47 -10.07
N ILE B 203 -4.99 1.59 -11.39
CA ILE B 203 -5.97 1.00 -12.32
C ILE B 203 -5.19 0.07 -13.23
N ASN B 204 -5.48 -1.22 -13.16
CA ASN B 204 -4.67 -2.24 -13.81
C ASN B 204 -5.56 -3.18 -14.59
N VAL B 205 -5.40 -3.20 -15.91
CA VAL B 205 -6.11 -4.17 -16.74
C VAL B 205 -5.29 -5.45 -16.64
N ILE B 206 -5.70 -6.35 -15.76
CA ILE B 206 -4.78 -7.38 -15.31
C ILE B 206 -4.53 -8.51 -16.32
N LYS B 207 -5.47 -8.74 -17.24
CA LYS B 207 -5.32 -9.84 -18.21
C LYS B 207 -5.35 -9.34 -19.65
N MET C 1 23.06 -1.76 14.45
CA MET C 1 23.14 -0.43 13.84
C MET C 1 23.13 0.68 14.87
N GLU C 2 24.13 1.56 14.79
CA GLU C 2 24.23 2.73 15.64
C GLU C 2 23.49 3.84 14.95
N PHE C 3 23.26 4.96 15.64
CA PHE C 3 22.61 6.10 15.00
C PHE C 3 23.42 6.61 13.80
N LYS C 4 24.74 6.43 13.88
CA LYS C 4 25.66 6.76 12.78
C LYS C 4 25.27 6.10 11.47
N ASP C 5 24.74 4.88 11.57
CA ASP C 5 24.47 4.07 10.39
C ASP C 5 23.16 4.43 9.67
N PHE C 6 22.40 5.34 10.27
CA PHE C 6 21.16 5.82 9.66
C PHE C 6 21.40 7.14 8.93
N PRO C 7 20.64 7.41 7.87
CA PRO C 7 20.69 8.66 7.11
C PRO C 7 20.22 9.86 7.93
N LEU C 8 21.11 10.40 8.75
CA LEU C 8 20.80 11.56 9.59
C LEU C 8 21.82 12.66 9.36
N LYS C 9 21.35 13.90 9.28
CA LYS C 9 22.25 15.04 9.12
C LYS C 9 23.41 14.93 10.10
N PRO C 10 24.60 15.37 9.68
CA PRO C 10 25.76 15.28 10.56
C PRO C 10 25.55 16.06 11.86
N GLU C 11 24.85 17.19 11.77
CA GLU C 11 24.64 18.07 12.92
C GLU C 11 23.51 17.60 13.82
N ILE C 12 22.73 16.63 13.35
CA ILE C 12 21.75 15.97 14.22
C ILE C 12 22.49 14.89 14.97
N LEU C 13 23.38 14.21 14.26
CA LEU C 13 24.26 13.22 14.85
C LEU C 13 25.21 13.85 15.87
N GLU C 14 25.58 15.10 15.65
CA GLU C 14 26.43 15.82 16.59
C GLU C 14 25.73 15.91 17.94
N ALA C 15 24.55 16.52 17.93
CA ALA C 15 23.75 16.70 19.13
C ALA C 15 23.54 15.39 19.89
N LEU C 16 23.23 14.32 19.16
CA LEU C 16 23.11 12.99 19.76
C LEU C 16 24.39 12.59 20.50
N HIS C 17 25.48 12.51 19.77
CA HIS C 17 26.76 12.04 20.34
C HIS C 17 27.26 12.96 21.46
N GLY C 18 27.00 14.26 21.35
CA GLY C 18 27.36 15.19 22.40
C GLY C 18 26.41 15.11 23.59
N ARG C 19 25.62 14.05 23.63
CA ARG C 19 24.74 13.73 24.76
C ARG C 19 24.89 12.30 25.23
N GLY C 20 25.68 11.52 24.51
CA GLY C 20 25.91 10.12 24.82
C GLY C 20 24.91 9.19 24.16
N LEU C 21 24.04 9.76 23.32
CA LEU C 21 23.12 8.93 22.57
C LEU C 21 23.83 8.39 21.33
N THR C 22 24.01 7.07 21.26
CA THR C 22 24.78 6.47 20.18
C THR C 22 24.08 5.28 19.51
N THR C 23 23.17 4.64 20.25
CA THR C 23 22.54 3.42 19.75
C THR C 23 21.03 3.39 20.03
N PRO C 24 20.23 3.19 18.97
CA PRO C 24 18.77 3.05 19.07
C PRO C 24 18.35 1.84 19.91
N THR C 25 17.29 2.01 20.70
CA THR C 25 16.64 0.89 21.37
C THR C 25 15.96 0.07 20.28
N PRO C 26 15.43 -1.11 20.64
CA PRO C 26 14.92 -1.93 19.53
C PRO C 26 13.78 -1.27 18.74
N ILE C 27 12.86 -0.61 19.43
CA ILE C 27 11.74 0.01 18.72
C ILE C 27 12.22 1.16 17.83
N GLU C 28 13.23 1.88 18.29
CA GLU C 28 13.83 2.94 17.50
C GLU C 28 14.54 2.40 16.28
N ALA C 29 15.28 1.29 16.45
CA ALA C 29 16.00 0.67 15.37
C ALA C 29 15.06 0.13 14.31
N ALA C 30 13.94 -0.46 14.74
CA ALA C 30 12.97 -0.99 13.77
C ALA C 30 12.21 0.14 13.10
N ALA C 31 12.01 1.23 13.84
CA ALA C 31 11.14 2.33 13.39
C ALA C 31 11.80 3.28 12.39
N LEU C 32 13.07 3.60 12.62
CA LEU C 32 13.78 4.61 11.82
C LEU C 32 13.79 4.44 10.31
N PRO C 33 14.07 3.23 9.79
CA PRO C 33 14.10 3.15 8.33
C PRO C 33 12.77 3.63 7.72
N LEU C 34 11.66 3.22 8.32
CA LEU C 34 10.36 3.63 7.81
C LEU C 34 10.02 5.08 8.20
N ALA C 35 10.31 5.47 9.44
CA ALA C 35 9.94 6.81 9.87
C ALA C 35 10.73 7.85 9.07
N LEU C 36 12.01 7.58 8.84
CA LEU C 36 12.87 8.49 8.09
C LEU C 36 12.51 8.64 6.61
N GLU C 37 11.86 7.63 6.02
CA GLU C 37 11.41 7.78 4.63
C GLU C 37 9.98 8.29 4.56
N GLY C 38 9.41 8.63 5.71
CA GLY C 38 8.14 9.32 5.74
C GLY C 38 6.95 8.39 5.82
N LYS C 39 7.18 7.13 6.19
CA LYS C 39 6.10 6.17 6.29
C LYS C 39 5.43 6.20 7.66
N ASP C 40 4.16 5.77 7.70
CA ASP C 40 3.38 5.73 8.93
C ASP C 40 3.72 4.49 9.75
N LEU C 41 3.62 4.60 11.07
CA LEU C 41 3.96 3.48 11.95
C LEU C 41 3.12 3.50 13.22
N ILE C 42 2.91 2.32 13.78
CA ILE C 42 2.41 2.17 15.14
C ILE C 42 3.50 1.50 15.95
N GLY C 43 3.96 2.18 17.00
CA GLY C 43 4.97 1.62 17.87
C GLY C 43 4.38 1.24 19.22
N GLN C 44 4.51 -0.03 19.59
CA GLN C 44 4.06 -0.51 20.89
C GLN C 44 5.27 -0.85 21.75
N ALA C 45 5.51 -0.02 22.76
CA ALA C 45 6.57 -0.29 23.73
C ALA C 45 6.07 0.04 25.13
N ARG C 46 6.57 -0.65 26.15
CA ARG C 46 6.22 -0.34 27.53
C ARG C 46 6.94 0.95 27.93
N THR C 47 6.16 1.94 28.36
CA THR C 47 6.70 3.23 28.78
C THR C 47 7.98 3.12 29.60
N GLY C 48 8.93 4.02 29.33
CA GLY C 48 10.18 4.04 30.10
C GLY C 48 11.33 3.30 29.44
N THR C 49 11.01 2.45 28.47
CA THR C 49 12.05 1.71 27.74
C THR C 49 12.84 2.60 26.79
N GLY C 50 12.24 3.72 26.37
CA GLY C 50 12.90 4.68 25.53
C GLY C 50 12.47 4.58 24.08
N LYS C 51 11.63 5.53 23.66
CA LYS C 51 11.10 5.53 22.30
C LYS C 51 10.94 6.94 21.73
N THR C 52 11.24 7.96 22.52
CA THR C 52 11.02 9.33 22.07
C THR C 52 11.77 9.63 20.78
N LEU C 53 12.96 9.08 20.63
CA LEU C 53 13.79 9.33 19.46
C LEU C 53 13.23 8.70 18.18
N ALA C 54 12.36 7.71 18.36
CA ALA C 54 11.67 7.08 17.25
C ALA C 54 10.86 8.08 16.45
N PHE C 55 10.41 9.14 17.11
CA PHE C 55 9.67 10.18 16.41
C PHE C 55 10.37 11.53 16.37
N ALA C 56 11.20 11.81 17.37
CA ALA C 56 11.93 13.08 17.41
C ALA C 56 13.00 13.18 16.31
N LEU C 57 13.67 12.07 16.01
CA LEU C 57 14.70 12.09 14.98
C LEU C 57 14.13 12.32 13.58
N PRO C 58 13.03 11.62 13.24
CA PRO C 58 12.37 11.87 11.96
C PRO C 58 11.88 13.30 11.80
N ILE C 59 11.40 13.90 12.89
CA ILE C 59 10.99 15.30 12.85
C ILE C 59 12.21 16.18 12.55
N ALA C 60 13.28 15.97 13.31
CA ALA C 60 14.52 16.72 13.14
C ALA C 60 15.09 16.61 11.72
N GLU C 61 15.05 15.40 11.17
CA GLU C 61 15.60 15.15 9.85
C GLU C 61 14.69 15.67 8.72
N ARG C 62 13.39 15.59 8.94
CA ARG C 62 12.43 16.02 7.92
C ARG C 62 12.35 17.54 7.75
N LEU C 63 12.49 18.27 8.86
CA LEU C 63 12.23 19.72 8.85
C LEU C 63 13.49 20.57 8.73
N ALA C 64 13.56 21.34 7.65
CA ALA C 64 14.67 22.27 7.49
C ALA C 64 14.35 23.50 8.32
N PRO C 65 15.38 24.20 8.80
CA PRO C 65 15.08 25.37 9.62
C PRO C 65 14.34 26.45 8.83
N SER C 66 13.74 27.39 9.54
CA SER C 66 13.05 28.52 8.94
C SER C 66 13.04 29.67 9.92
N GLN C 67 13.20 30.88 9.40
CA GLN C 67 13.24 32.06 10.25
C GLN C 67 12.00 32.93 10.10
N GLU C 68 11.08 32.48 9.24
CA GLU C 68 9.91 33.30 8.90
C GLU C 68 9.06 33.65 10.13
N ARG C 69 8.86 34.95 10.33
CA ARG C 69 7.99 35.46 11.38
C ARG C 69 6.57 34.94 11.22
N GLY C 70 6.02 34.36 12.29
CA GLY C 70 4.64 33.93 12.30
C GLY C 70 4.40 32.61 11.59
N ARG C 71 5.47 31.88 11.29
CA ARG C 71 5.31 30.62 10.57
C ARG C 71 4.48 29.60 11.34
N LYS C 72 3.78 28.74 10.60
CA LYS C 72 2.95 27.69 11.18
C LYS C 72 3.78 26.42 11.38
N PRO C 73 3.42 25.62 12.39
CA PRO C 73 4.24 24.44 12.69
C PRO C 73 4.15 23.36 11.62
N ARG C 74 5.24 22.63 11.43
CA ARG C 74 5.31 21.57 10.45
C ARG C 74 5.33 20.19 11.12
N ALA C 75 5.35 20.18 12.45
CA ALA C 75 5.22 18.94 13.21
C ALA C 75 4.32 19.17 14.41
N LEU C 76 3.46 18.21 14.68
CA LEU C 76 2.62 18.24 15.88
C LEU C 76 2.74 16.93 16.63
N VAL C 77 3.08 17.03 17.91
CA VAL C 77 3.12 15.87 18.78
C VAL C 77 2.06 16.08 19.86
N LEU C 78 1.12 15.14 19.98
CA LEU C 78 0.13 15.15 21.05
C LEU C 78 0.46 14.20 22.20
N THR C 79 0.31 14.70 23.43
CA THR C 79 0.59 13.92 24.62
C THR C 79 -0.63 14.01 25.54
N PRO C 80 -0.84 12.99 26.38
CA PRO C 80 -2.03 12.92 27.23
C PRO C 80 -1.95 13.84 28.44
N THR C 81 -0.73 14.15 28.90
CA THR C 81 -0.57 14.93 30.13
C THR C 81 0.34 16.14 29.93
N ARG C 82 0.23 17.10 30.85
CA ARG C 82 1.05 18.31 30.77
C ARG C 82 2.52 18.01 31.03
N GLU C 83 2.77 17.12 31.97
CA GLU C 83 4.16 16.77 32.31
C GLU C 83 4.87 16.05 31.16
N LEU C 84 4.13 15.24 30.42
CA LEU C 84 4.69 14.61 29.23
C LEU C 84 4.91 15.61 28.08
N ALA C 85 3.99 16.57 27.91
CA ALA C 85 4.23 17.65 26.93
C ALA C 85 5.52 18.38 27.22
N LEU C 86 5.74 18.75 28.49
CA LEU C 86 6.97 19.43 28.88
C LEU C 86 8.20 18.55 28.63
N GLN C 87 8.11 17.27 28.99
CA GLN C 87 9.25 16.37 28.85
C GLN C 87 9.59 16.13 27.37
N VAL C 88 8.57 15.93 26.53
CA VAL C 88 8.81 15.66 25.12
C VAL C 88 9.33 16.91 24.40
N ALA C 89 8.80 18.07 24.78
CA ALA C 89 9.23 19.35 24.21
C ALA C 89 10.67 19.58 24.55
N SER C 90 11.05 19.24 25.77
CA SER C 90 12.44 19.35 26.18
C SER C 90 13.33 18.42 25.35
N GLU C 91 12.90 17.17 25.18
CA GLU C 91 13.69 16.21 24.42
C GLU C 91 13.77 16.61 22.94
N LEU C 92 12.64 16.95 22.34
CA LEU C 92 12.61 17.40 20.96
C LEU C 92 13.47 18.66 20.73
N THR C 93 13.44 19.58 21.68
CA THR C 93 14.30 20.77 21.59
C THR C 93 15.78 20.41 21.45
N ALA C 94 16.19 19.36 22.16
CA ALA C 94 17.59 18.94 22.18
C ALA C 94 17.96 18.08 20.96
N VAL C 95 17.03 17.24 20.51
CA VAL C 95 17.27 16.43 19.33
C VAL C 95 17.31 17.31 18.07
N ALA C 96 16.53 18.38 18.08
CA ALA C 96 16.36 19.24 16.89
C ALA C 96 16.67 20.70 17.19
N PRO C 97 17.94 21.01 17.41
CA PRO C 97 18.30 22.40 17.77
C PRO C 97 18.02 23.42 16.67
N HIS C 98 17.84 22.98 15.43
CA HIS C 98 17.55 23.91 14.33
C HIS C 98 16.07 24.34 14.28
N LEU C 99 15.24 23.73 15.14
CA LEU C 99 13.80 23.98 15.14
C LEU C 99 13.34 24.70 16.40
N LYS C 100 12.36 25.59 16.24
CA LYS C 100 11.70 26.22 17.38
C LYS C 100 10.57 25.32 17.86
N VAL C 101 10.74 24.74 19.05
CA VAL C 101 9.74 23.86 19.63
C VAL C 101 8.93 24.61 20.70
N VAL C 102 7.61 24.58 20.57
CA VAL C 102 6.72 25.24 21.54
C VAL C 102 5.87 24.18 22.24
N ALA C 103 5.94 24.17 23.57
CA ALA C 103 5.06 23.34 24.40
C ALA C 103 3.76 24.05 24.67
N VAL C 104 2.67 23.32 24.47
CA VAL C 104 1.34 23.88 24.62
C VAL C 104 0.59 22.97 25.60
N TYR C 105 0.09 23.52 26.70
CA TYR C 105 -0.55 22.67 27.72
C TYR C 105 -1.42 23.47 28.68
N GLY C 106 -2.39 22.80 29.31
CA GLY C 106 -3.30 23.48 30.23
C GLY C 106 -2.79 23.69 31.64
N GLY C 107 -3.69 24.16 32.51
CA GLY C 107 -3.39 24.34 33.91
C GLY C 107 -2.63 25.62 34.20
N THR C 108 -2.34 26.39 33.17
CA THR C 108 -1.56 27.60 33.34
C THR C 108 -2.20 28.74 32.52
N GLY C 109 -1.57 29.91 32.50
CA GLY C 109 -2.11 31.01 31.72
C GLY C 109 -2.16 30.72 30.22
N TYR C 110 -3.00 31.45 29.49
CA TYR C 110 -3.08 31.26 28.03
C TYR C 110 -2.11 32.14 27.24
N GLY C 111 -1.48 33.09 27.91
CA GLY C 111 -0.78 34.16 27.22
C GLY C 111 0.59 33.84 26.64
N LYS C 112 1.43 33.20 27.43
CA LYS C 112 2.79 32.89 26.97
C LYS C 112 2.79 31.94 25.77
N GLN C 113 1.95 30.93 25.80
CA GLN C 113 1.95 29.96 24.70
C GLN C 113 1.33 30.59 23.47
N LYS C 114 0.35 31.44 23.68
CA LYS C 114 -0.28 32.12 22.56
C LYS C 114 0.74 33.03 21.85
N GLU C 115 1.48 33.81 22.63
CA GLU C 115 2.48 34.71 22.02
C GLU C 115 3.55 33.92 21.27
N ALA C 116 3.99 32.81 21.87
CA ALA C 116 4.99 31.95 21.23
C ALA C 116 4.46 31.45 19.89
N LEU C 117 3.22 30.98 19.87
CA LEU C 117 2.66 30.42 18.63
C LEU C 117 2.50 31.50 17.57
N LEU C 118 2.13 32.70 18.01
CA LEU C 118 1.93 33.82 17.07
C LEU C 118 3.27 34.30 16.50
N ARG C 119 4.33 34.14 17.29
CA ARG C 119 5.67 34.57 16.85
C ARG C 119 6.27 33.60 15.84
N GLY C 120 5.85 32.34 15.89
CA GLY C 120 6.26 31.36 14.91
C GLY C 120 6.73 30.10 15.58
N ALA C 121 6.51 28.97 14.94
CA ALA C 121 6.96 27.70 15.51
C ALA C 121 7.16 26.68 14.40
N ASP C 122 8.05 25.73 14.65
CA ASP C 122 8.30 24.67 13.70
C ASP C 122 7.64 23.39 14.16
N ALA C 123 7.69 23.14 15.47
CA ALA C 123 7.05 21.96 16.03
C ALA C 123 6.27 22.32 17.30
N VAL C 124 5.08 21.75 17.43
CA VAL C 124 4.29 21.97 18.63
C VAL C 124 4.10 20.64 19.35
N VAL C 125 4.44 20.63 20.63
CA VAL C 125 4.18 19.48 21.49
C VAL C 125 3.08 19.90 22.44
N ALA C 126 1.90 19.27 22.32
CA ALA C 126 0.71 19.79 22.99
C ALA C 126 -0.14 18.71 23.67
N THR C 127 -0.82 19.10 24.74
CA THR C 127 -1.95 18.30 25.24
C THR C 127 -3.17 18.68 24.39
N PRO C 128 -4.15 17.78 24.28
CA PRO C 128 -5.19 18.00 23.28
C PRO C 128 -6.18 19.11 23.67
N GLY C 129 -6.47 19.25 24.96
CA GLY C 129 -7.40 20.26 25.44
C GLY C 129 -6.94 21.66 25.06
N ARG C 130 -5.76 22.01 25.55
CA ARG C 130 -5.18 23.32 25.25
C ARG C 130 -4.96 23.50 23.74
N ALA C 131 -4.50 22.45 23.06
CA ALA C 131 -4.29 22.55 21.61
C ALA C 131 -5.57 22.95 20.90
N LEU C 132 -6.65 22.28 21.25
CA LEU C 132 -7.90 22.56 20.55
C LEU C 132 -8.36 23.99 20.86
N ASP C 133 -8.16 24.45 22.10
CA ASP C 133 -8.48 25.85 22.43
C ASP C 133 -7.77 26.76 21.42
N TYR C 134 -6.46 26.60 21.26
CA TYR C 134 -5.76 27.48 20.33
C TYR C 134 -6.14 27.26 18.87
N LEU C 135 -6.47 26.02 18.51
CA LEU C 135 -6.97 25.74 17.17
C LEU C 135 -8.22 26.59 16.90
N ARG C 136 -9.16 26.56 17.84
CA ARG C 136 -10.42 27.28 17.69
C ARG C 136 -10.25 28.82 17.66
N GLN C 137 -9.25 29.33 18.37
CA GLN C 137 -8.91 30.77 18.32
C GLN C 137 -8.25 31.14 17.00
N GLY C 138 -7.83 30.15 16.23
CA GLY C 138 -7.08 30.40 15.01
C GLY C 138 -5.63 30.75 15.29
N VAL C 139 -5.23 30.60 16.55
CA VAL C 139 -3.86 30.86 16.98
C VAL C 139 -2.94 29.70 16.58
N LEU C 140 -3.39 28.47 16.79
CA LEU C 140 -2.62 27.29 16.38
C LEU C 140 -3.13 26.89 15.00
N ASP C 141 -2.28 27.03 13.99
CA ASP C 141 -2.65 26.69 12.62
C ASP C 141 -1.95 25.38 12.24
N LEU C 142 -2.71 24.39 11.80
CA LEU C 142 -2.14 23.06 11.54
C LEU C 142 -2.15 22.67 10.06
N SER C 143 -2.46 23.61 9.19
CA SER C 143 -2.58 23.31 7.77
C SER C 143 -1.23 23.02 7.12
N ARG C 144 -0.15 23.18 7.86
CA ARG C 144 1.17 22.96 7.28
C ARG C 144 1.87 21.77 7.92
N VAL C 145 1.15 21.02 8.75
CA VAL C 145 1.76 19.91 9.48
C VAL C 145 2.18 18.80 8.51
N GLU C 146 3.41 18.32 8.63
CA GLU C 146 3.93 17.27 7.77
C GLU C 146 4.11 15.98 8.53
N VAL C 147 4.34 16.12 9.84
CA VAL C 147 4.47 14.97 10.72
C VAL C 147 3.57 15.15 11.94
N ALA C 148 2.69 14.18 12.17
CA ALA C 148 1.82 14.19 13.34
C ALA C 148 2.11 12.96 14.18
N VAL C 149 2.30 13.17 15.48
CA VAL C 149 2.67 12.10 16.38
C VAL C 149 1.68 12.03 17.55
N LEU C 150 1.04 10.87 17.71
CA LEU C 150 0.25 10.59 18.92
C LEU C 150 1.08 9.76 19.88
N ASP C 151 1.51 10.39 20.97
CA ASP C 151 2.39 9.79 21.94
C ASP C 151 1.57 9.27 23.12
N GLU C 152 1.52 7.94 23.27
CA GLU C 152 0.66 7.27 24.23
C GLU C 152 -0.85 7.42 23.99
N ALA C 153 -1.31 6.88 22.87
CA ALA C 153 -2.69 7.05 22.44
C ALA C 153 -3.70 6.36 23.38
N ASP C 154 -3.33 5.23 23.99
CA ASP C 154 -4.28 4.62 24.93
C ASP C 154 -4.51 5.54 26.13
N GLU C 155 -3.49 6.32 26.48
CA GLU C 155 -3.56 7.24 27.59
C GLU C 155 -4.47 8.42 27.23
N MET C 156 -4.41 8.86 25.98
CA MET C 156 -5.30 9.94 25.55
C MET C 156 -6.74 9.48 25.61
N LEU C 157 -6.96 8.24 25.23
CA LEU C 157 -8.28 7.63 25.33
C LEU C 157 -8.80 7.61 26.77
N SER C 158 -7.95 7.21 27.71
CA SER C 158 -8.40 7.08 29.10
C SER C 158 -8.49 8.43 29.83
N MET C 159 -7.87 9.46 29.25
CA MET C 159 -7.95 10.83 29.77
C MET C 159 -9.16 11.52 29.17
N GLY C 160 -9.83 10.82 28.26
CA GLY C 160 -11.06 11.31 27.65
C GLY C 160 -10.86 12.30 26.52
N PHE C 161 -9.73 12.22 25.82
CA PHE C 161 -9.40 13.18 24.77
C PHE C 161 -9.66 12.71 23.33
N GLU C 162 -10.46 11.68 23.15
CA GLU C 162 -10.62 11.13 21.79
C GLU C 162 -11.24 12.13 20.82
N GLU C 163 -12.15 12.97 21.31
CA GLU C 163 -12.77 13.96 20.44
C GLU C 163 -11.77 15.05 20.06
N GLU C 164 -11.04 15.54 21.06
CA GLU C 164 -10.03 16.57 20.84
C GLU C 164 -8.98 16.09 19.84
N VAL C 165 -8.47 14.89 20.06
CA VAL C 165 -7.45 14.33 19.18
C VAL C 165 -7.94 14.18 17.74
N GLU C 166 -9.13 13.64 17.57
CA GLU C 166 -9.65 13.51 16.21
C GLU C 166 -9.88 14.88 15.56
N ALA C 167 -10.27 15.88 16.35
CA ALA C 167 -10.50 17.21 15.80
C ALA C 167 -9.18 17.81 15.32
N LEU C 168 -8.12 17.60 16.11
CA LEU C 168 -6.79 18.10 15.78
C LEU C 168 -6.17 17.39 14.57
N LEU C 169 -6.29 16.07 14.52
CA LEU C 169 -5.81 15.32 13.37
C LEU C 169 -6.53 15.70 12.08
N SER C 170 -7.85 15.90 12.17
CA SER C 170 -8.66 16.30 11.02
C SER C 170 -8.27 17.68 10.50
N ALA C 171 -7.66 18.49 11.36
CA ALA C 171 -7.25 19.84 10.97
C ALA C 171 -5.89 19.86 10.27
N THR C 172 -5.18 18.73 10.30
CA THR C 172 -3.91 18.59 9.59
C THR C 172 -4.13 18.05 8.18
N PRO C 173 -3.18 18.29 7.27
CA PRO C 173 -3.34 17.75 5.93
C PRO C 173 -3.22 16.23 5.95
N PRO C 174 -3.97 15.54 5.10
CA PRO C 174 -3.87 14.07 4.98
C PRO C 174 -2.59 13.63 4.26
N SER C 175 -1.90 14.56 3.61
CA SER C 175 -0.60 14.25 3.03
C SER C 175 0.44 13.97 4.13
N ARG C 176 0.10 14.30 5.38
CA ARG C 176 1.03 14.18 6.49
C ARG C 176 1.50 12.74 6.71
N GLN C 177 2.61 12.61 7.41
CA GLN C 177 3.05 11.35 7.99
C GLN C 177 2.52 11.23 9.41
N THR C 178 1.97 10.07 9.76
CA THR C 178 1.42 9.89 11.10
C THR C 178 2.13 8.77 11.83
N LEU C 179 2.57 9.06 13.05
CA LEU C 179 3.29 8.09 13.88
C LEU C 179 2.49 7.93 15.15
N LEU C 180 2.08 6.70 15.46
CA LEU C 180 1.26 6.43 16.63
C LEU C 180 1.96 5.54 17.63
N PHE C 181 2.10 6.01 18.87
CA PHE C 181 2.71 5.20 19.92
C PHE C 181 1.73 4.88 21.03
N SER C 182 1.59 3.60 21.35
CA SER C 182 0.71 3.17 22.42
C SER C 182 1.10 1.77 22.87
N ALA C 183 1.13 1.53 24.17
CA ALA C 183 1.45 0.18 24.64
C ALA C 183 0.30 -0.76 24.33
N THR C 184 -0.93 -0.27 24.46
CA THR C 184 -2.11 -1.07 24.16
C THR C 184 -2.88 -0.49 22.98
N LEU C 185 -3.69 -1.34 22.34
CA LEU C 185 -4.45 -0.94 21.17
C LEU C 185 -5.95 -1.11 21.34
N PRO C 186 -6.59 -0.18 22.08
CA PRO C 186 -8.05 -0.20 22.25
C PRO C 186 -8.72 -0.01 20.91
N SER C 187 -10.03 -0.21 20.85
CA SER C 187 -10.76 -0.06 19.61
C SER C 187 -10.61 1.32 18.99
N TRP C 188 -10.59 2.36 19.82
CA TRP C 188 -10.45 3.71 19.29
C TRP C 188 -9.11 3.83 18.58
N ALA C 189 -8.07 3.30 19.20
CA ALA C 189 -6.73 3.39 18.64
C ALA C 189 -6.65 2.66 17.30
N LYS C 190 -7.33 1.52 17.20
CA LYS C 190 -7.40 0.78 15.94
C LYS C 190 -8.16 1.59 14.90
N ARG C 191 -9.21 2.28 15.32
CA ARG C 191 -9.97 3.16 14.44
C ARG C 191 -9.04 4.25 13.86
N LEU C 192 -8.25 4.88 14.73
CA LEU C 192 -7.28 5.88 14.27
C LEU C 192 -6.36 5.30 13.20
N ALA C 193 -5.91 4.07 13.41
CA ALA C 193 -5.02 3.43 12.46
C ALA C 193 -5.70 3.28 11.09
N GLU C 194 -7.01 3.10 11.09
CA GLU C 194 -7.74 2.90 9.84
C GLU C 194 -8.10 4.24 9.21
N ARG C 195 -8.46 5.21 10.03
CA ARG C 195 -9.03 6.45 9.50
C ARG C 195 -7.96 7.51 9.21
N TYR C 196 -6.91 7.54 10.03
CA TYR C 196 -5.98 8.66 10.03
C TYR C 196 -4.55 8.30 9.63
N MET C 197 -4.32 7.08 9.16
CA MET C 197 -2.97 6.64 8.83
C MET C 197 -2.93 5.92 7.50
N LYS C 198 -1.79 6.00 6.79
CA LYS C 198 -1.66 5.33 5.49
C LYS C 198 -0.81 4.08 5.61
N ASN C 199 -1.44 2.92 5.40
CA ASN C 199 -0.70 1.66 5.33
C ASN C 199 0.36 1.56 6.41
N PRO C 200 -0.05 1.72 7.67
CA PRO C 200 0.89 1.74 8.80
C PRO C 200 1.48 0.37 9.06
N VAL C 201 2.78 0.34 9.33
CA VAL C 201 3.46 -0.85 9.81
C VAL C 201 3.47 -0.80 11.33
N LEU C 202 3.13 -1.93 11.94
CA LEU C 202 3.13 -2.03 13.39
C LEU C 202 4.39 -2.74 13.91
N ILE C 203 4.97 -2.19 14.97
CA ILE C 203 6.17 -2.73 15.60
C ILE C 203 5.91 -2.85 17.09
N ASN C 204 6.04 -4.07 17.59
CA ASN C 204 5.70 -4.36 18.97
C ASN C 204 6.87 -5.02 19.68
N VAL C 205 7.44 -4.32 20.66
CA VAL C 205 8.61 -4.81 21.37
C VAL C 205 8.23 -5.13 22.79
N ILE C 206 6.93 -5.29 23.02
CA ILE C 206 6.44 -5.54 24.37
C ILE C 206 6.64 -6.99 24.77
N LYS C 207 7.04 -7.18 26.02
CA LYS C 207 7.30 -8.51 26.58
C LYS C 207 8.62 -9.08 26.06
N MET D 1 15.24 3.91 3.07
CA MET D 1 16.62 3.47 2.82
C MET D 1 16.67 2.43 1.71
N GLU D 2 17.72 2.50 0.90
CA GLU D 2 17.96 1.48 -0.11
C GLU D 2 18.78 0.36 0.53
N PHE D 3 18.91 -0.76 -0.16
CA PHE D 3 19.74 -1.83 0.38
C PHE D 3 21.17 -1.33 0.60
N LYS D 4 21.68 -0.57 -0.37
CA LYS D 4 23.06 -0.08 -0.29
C LYS D 4 23.29 0.83 0.91
N ASP D 5 22.21 1.23 1.58
CA ASP D 5 22.28 2.11 2.75
C ASP D 5 22.41 1.36 4.08
N PHE D 6 22.27 0.04 4.02
CA PHE D 6 22.46 -0.81 5.20
C PHE D 6 23.91 -1.30 5.25
N PRO D 7 24.36 -1.71 6.44
CA PRO D 7 25.73 -2.20 6.62
C PRO D 7 25.90 -3.62 6.09
N LEU D 8 25.97 -3.75 4.76
CA LEU D 8 26.16 -5.03 4.11
C LEU D 8 27.52 -5.12 3.44
N LYS D 9 28.07 -6.32 3.38
CA LYS D 9 29.34 -6.55 2.69
C LYS D 9 29.21 -6.19 1.21
N PRO D 10 30.25 -5.54 0.65
CA PRO D 10 30.24 -5.07 -0.73
C PRO D 10 29.91 -6.17 -1.74
N GLU D 11 30.32 -7.41 -1.46
CA GLU D 11 30.02 -8.53 -2.34
C GLU D 11 28.51 -8.79 -2.34
N ILE D 12 27.92 -8.74 -1.17
CA ILE D 12 26.47 -8.89 -1.05
C ILE D 12 25.77 -7.77 -1.81
N LEU D 13 26.28 -6.55 -1.65
CA LEU D 13 25.74 -5.39 -2.32
C LEU D 13 25.88 -5.51 -3.84
N GLU D 14 27.00 -6.05 -4.30
CA GLU D 14 27.20 -6.26 -5.73
C GLU D 14 26.15 -7.22 -6.27
N ALA D 15 25.91 -8.31 -5.54
CA ALA D 15 24.92 -9.30 -5.92
C ALA D 15 23.53 -8.68 -6.17
N LEU D 16 23.09 -7.85 -5.23
CA LEU D 16 21.81 -7.15 -5.35
C LEU D 16 21.79 -6.19 -6.54
N HIS D 17 22.82 -5.35 -6.66
CA HIS D 17 22.91 -4.38 -7.76
C HIS D 17 22.82 -5.05 -9.12
N GLY D 18 23.48 -6.20 -9.26
CA GLY D 18 23.51 -6.91 -10.53
C GLY D 18 22.20 -7.63 -10.83
N ARG D 19 21.24 -7.54 -9.92
CA ARG D 19 19.97 -8.24 -10.09
C ARG D 19 18.78 -7.29 -9.98
N GLY D 20 19.06 -6.03 -9.67
CA GLY D 20 18.02 -5.01 -9.64
C GLY D 20 17.32 -4.82 -8.30
N LEU D 21 17.64 -5.65 -7.32
CA LEU D 21 17.05 -5.50 -6.00
C LEU D 21 17.64 -4.29 -5.28
N THR D 22 16.84 -3.22 -5.17
CA THR D 22 17.35 -1.96 -4.65
C THR D 22 16.60 -1.45 -3.43
N THR D 23 15.35 -1.88 -3.28
CA THR D 23 14.45 -1.27 -2.31
C THR D 23 13.77 -2.30 -1.43
N PRO D 24 14.08 -2.28 -0.12
CA PRO D 24 13.40 -3.20 0.80
C PRO D 24 11.91 -2.98 0.82
N THR D 25 11.15 -4.06 0.94
CA THR D 25 9.73 -3.96 1.19
C THR D 25 9.57 -3.36 2.59
N PRO D 26 8.35 -2.95 2.95
CA PRO D 26 8.17 -2.40 4.30
C PRO D 26 8.60 -3.40 5.37
N ILE D 27 8.13 -4.64 5.30
CA ILE D 27 8.48 -5.61 6.33
C ILE D 27 10.00 -5.80 6.41
N GLU D 28 10.67 -5.79 5.26
CA GLU D 28 12.12 -5.92 5.21
C GLU D 28 12.81 -4.68 5.80
N ALA D 29 12.29 -3.50 5.46
CA ALA D 29 12.87 -2.24 5.94
C ALA D 29 12.81 -2.16 7.46
N ALA D 30 11.71 -2.65 8.04
CA ALA D 30 11.56 -2.65 9.49
C ALA D 30 12.37 -3.76 10.18
N ALA D 31 12.55 -4.89 9.50
CA ALA D 31 13.17 -6.06 10.12
C ALA D 31 14.68 -6.03 10.07
N LEU D 32 15.23 -5.51 8.98
CA LEU D 32 16.66 -5.61 8.74
C LEU D 32 17.53 -5.08 9.88
N PRO D 33 17.23 -3.88 10.38
CA PRO D 33 18.06 -3.37 11.47
C PRO D 33 18.18 -4.31 12.67
N LEU D 34 17.09 -4.99 13.02
CA LEU D 34 17.12 -5.92 14.14
C LEU D 34 17.81 -7.24 13.73
N ALA D 35 17.41 -7.75 12.58
CA ALA D 35 17.88 -9.04 12.10
C ALA D 35 19.39 -9.04 11.96
N LEU D 36 19.93 -7.91 11.50
CA LEU D 36 21.36 -7.80 11.28
C LEU D 36 22.17 -7.81 12.58
N GLU D 37 21.54 -7.37 13.67
CA GLU D 37 22.22 -7.42 14.96
C GLU D 37 21.87 -8.68 15.75
N GLY D 38 21.16 -9.60 15.09
CA GLY D 38 21.02 -10.97 15.60
C GLY D 38 19.86 -11.18 16.56
N LYS D 39 18.88 -10.29 16.50
CA LYS D 39 17.71 -10.38 17.37
C LYS D 39 16.64 -11.20 16.71
N ASP D 40 15.83 -11.88 17.53
CA ASP D 40 14.69 -12.64 17.01
C ASP D 40 13.57 -11.71 16.57
N LEU D 41 12.87 -12.10 15.51
CA LEU D 41 11.78 -11.29 14.97
C LEU D 41 10.65 -12.20 14.56
N ILE D 42 9.43 -11.66 14.63
CA ILE D 42 8.29 -12.26 14.02
C ILE D 42 7.84 -11.27 12.95
N GLY D 43 7.84 -11.71 11.70
CA GLY D 43 7.38 -10.87 10.61
C GLY D 43 6.03 -11.28 10.03
N GLN D 44 5.06 -10.38 10.08
CA GLN D 44 3.76 -10.65 9.46
C GLN D 44 3.57 -9.84 8.19
N ALA D 45 3.60 -10.52 7.05
CA ALA D 45 3.23 -9.89 5.78
C ALA D 45 2.51 -10.92 4.89
N GLY D 50 6.31 -10.23 -0.46
CA GLY D 50 7.70 -10.60 -0.63
C GLY D 50 8.55 -10.10 0.51
N LYS D 51 9.17 -11.03 1.23
CA LYS D 51 10.00 -10.70 2.39
C LYS D 51 11.26 -11.57 2.56
N THR D 52 11.70 -12.21 1.49
CA THR D 52 12.79 -13.17 1.56
C THR D 52 14.12 -12.53 1.98
N LEU D 53 14.34 -11.29 1.56
CA LEU D 53 15.59 -10.63 1.91
C LEU D 53 15.62 -10.27 3.40
N ALA D 54 14.47 -10.28 4.05
CA ALA D 54 14.41 -10.05 5.49
C ALA D 54 15.17 -11.11 6.29
N PHE D 55 15.34 -12.29 5.70
CA PHE D 55 16.13 -13.34 6.35
C PHE D 55 17.36 -13.77 5.53
N ALA D 56 17.27 -13.67 4.20
CA ALA D 56 18.41 -14.02 3.35
C ALA D 56 19.60 -13.09 3.55
N LEU D 57 19.34 -11.81 3.74
CA LEU D 57 20.42 -10.84 3.97
C LEU D 57 21.12 -11.07 5.31
N PRO D 58 20.34 -11.15 6.41
CA PRO D 58 20.96 -11.47 7.71
C PRO D 58 21.80 -12.76 7.67
N ILE D 59 21.31 -13.79 6.99
CA ILE D 59 22.07 -15.02 6.83
C ILE D 59 23.34 -14.77 6.03
N ALA D 60 23.21 -14.10 4.89
CA ALA D 60 24.37 -13.81 4.06
C ALA D 60 25.40 -12.97 4.81
N GLU D 61 24.92 -12.01 5.60
CA GLU D 61 25.79 -11.08 6.33
C GLU D 61 26.42 -11.72 7.56
N ARG D 62 25.67 -12.59 8.23
CA ARG D 62 26.16 -13.18 9.47
C ARG D 62 27.16 -14.33 9.27
N LEU D 63 27.11 -15.02 8.14
CA LEU D 63 27.96 -16.19 7.94
C LEU D 63 29.17 -15.93 7.06
N ALA D 64 30.36 -16.08 7.65
CA ALA D 64 31.61 -16.06 6.89
C ALA D 64 31.74 -17.36 6.10
N PRO D 65 32.47 -17.32 4.97
CA PRO D 65 32.59 -18.54 4.17
C PRO D 65 33.47 -19.60 4.83
N SER D 66 33.31 -20.85 4.42
CA SER D 66 34.13 -21.95 4.88
C SER D 66 34.33 -22.89 3.70
N GLN D 67 35.45 -23.61 3.70
CA GLN D 67 35.73 -24.59 2.65
C GLN D 67 35.89 -25.99 3.24
N GLU D 68 35.66 -26.10 4.55
CA GLU D 68 35.76 -27.35 5.28
C GLU D 68 34.85 -28.45 4.72
N ARG D 69 35.44 -29.58 4.36
CA ARG D 69 34.68 -30.73 3.89
C ARG D 69 33.79 -31.32 4.98
N GLY D 70 32.57 -31.69 4.61
CA GLY D 70 31.62 -32.30 5.54
C GLY D 70 31.08 -31.37 6.61
N ARG D 71 31.38 -30.08 6.52
CA ARG D 71 30.90 -29.12 7.51
C ARG D 71 29.38 -29.12 7.69
N LYS D 72 28.94 -28.78 8.90
CA LYS D 72 27.52 -28.71 9.24
C LYS D 72 26.94 -27.34 8.87
N PRO D 73 25.65 -27.28 8.52
CA PRO D 73 25.08 -25.98 8.15
C PRO D 73 25.01 -25.01 9.34
N ARG D 74 25.28 -23.73 9.10
CA ARG D 74 25.11 -22.72 10.14
C ARG D 74 23.80 -21.93 10.01
N ALA D 75 23.00 -22.22 8.98
CA ALA D 75 21.66 -21.66 8.89
C ALA D 75 20.67 -22.68 8.36
N LEU D 76 19.44 -22.60 8.85
CA LEU D 76 18.39 -23.53 8.45
C LEU D 76 17.13 -22.75 8.12
N VAL D 77 16.61 -22.91 6.91
CA VAL D 77 15.33 -22.29 6.58
C VAL D 77 14.33 -23.39 6.27
N LEU D 78 13.23 -23.39 7.01
CA LEU D 78 12.19 -24.39 6.82
C LEU D 78 11.06 -23.77 6.01
N THR D 79 10.65 -24.43 4.93
CA THR D 79 9.53 -23.97 4.11
C THR D 79 8.46 -25.07 4.06
N PRO D 80 7.20 -24.72 3.79
CA PRO D 80 6.15 -25.74 3.88
C PRO D 80 6.03 -26.64 2.64
N THR D 81 6.56 -26.21 1.52
CA THR D 81 6.38 -26.98 0.29
C THR D 81 7.67 -27.06 -0.46
N ARG D 82 7.74 -28.06 -1.33
CA ARG D 82 8.89 -28.33 -2.17
C ARG D 82 9.17 -27.19 -3.13
N GLU D 83 8.13 -26.63 -3.73
CA GLU D 83 8.37 -25.55 -4.67
C GLU D 83 8.94 -24.31 -3.96
N LEU D 84 8.47 -24.04 -2.74
CA LEU D 84 9.03 -22.92 -1.99
C LEU D 84 10.48 -23.19 -1.54
N ALA D 85 10.79 -24.41 -1.15
CA ALA D 85 12.18 -24.74 -0.81
C ALA D 85 13.07 -24.43 -1.99
N LEU D 86 12.66 -24.86 -3.19
CA LEU D 86 13.41 -24.55 -4.42
C LEU D 86 13.56 -23.06 -4.70
N GLN D 87 12.50 -22.30 -4.55
CA GLN D 87 12.56 -20.87 -4.86
C GLN D 87 13.42 -20.13 -3.83
N VAL D 88 13.25 -20.47 -2.57
CA VAL D 88 13.98 -19.80 -1.52
C VAL D 88 15.48 -20.13 -1.59
N ALA D 89 15.79 -21.38 -1.92
CA ALA D 89 17.18 -21.81 -2.08
C ALA D 89 17.86 -21.06 -3.21
N SER D 90 17.13 -20.81 -4.29
CA SER D 90 17.69 -20.08 -5.43
C SER D 90 17.91 -18.61 -5.10
N GLU D 91 17.01 -18.04 -4.31
CA GLU D 91 17.16 -16.65 -3.90
C GLU D 91 18.36 -16.54 -2.97
N LEU D 92 18.40 -17.38 -1.94
CA LEU D 92 19.50 -17.35 -0.99
C LEU D 92 20.82 -17.65 -1.69
N THR D 93 20.79 -18.54 -2.67
CA THR D 93 22.02 -18.87 -3.40
C THR D 93 22.58 -17.60 -4.06
N ALA D 94 21.70 -16.79 -4.65
CA ALA D 94 22.08 -15.56 -5.34
C ALA D 94 22.49 -14.42 -4.40
N VAL D 95 21.87 -14.35 -3.24
CA VAL D 95 22.13 -13.28 -2.29
C VAL D 95 23.39 -13.57 -1.48
N ALA D 96 23.76 -14.84 -1.37
CA ALA D 96 24.88 -15.24 -0.55
C ALA D 96 25.89 -16.07 -1.36
N PRO D 97 26.46 -15.45 -2.41
CA PRO D 97 27.34 -16.19 -3.33
C PRO D 97 28.50 -16.88 -2.63
N HIS D 98 28.83 -16.44 -1.43
CA HIS D 98 29.98 -16.98 -0.70
C HIS D 98 29.62 -18.23 0.10
N LEU D 99 28.32 -18.51 0.23
CA LEU D 99 27.86 -19.67 0.98
C LEU D 99 27.38 -20.79 0.08
N LYS D 100 27.51 -22.02 0.57
CA LYS D 100 26.97 -23.18 -0.12
CA LYS D 100 26.96 -23.16 -0.14
C LYS D 100 25.55 -23.45 0.36
N VAL D 101 24.57 -23.25 -0.51
CA VAL D 101 23.18 -23.46 -0.13
C VAL D 101 22.70 -24.81 -0.69
N VAL D 102 22.11 -25.63 0.17
CA VAL D 102 21.60 -26.93 -0.25
C VAL D 102 20.08 -27.03 -0.01
N ALA D 103 19.32 -27.26 -1.07
CA ALA D 103 17.89 -27.49 -0.95
C ALA D 103 17.54 -28.95 -0.62
N VAL D 104 16.75 -29.12 0.44
CA VAL D 104 16.37 -30.43 0.94
C VAL D 104 14.85 -30.54 0.91
N TYR D 105 14.32 -31.51 0.16
CA TYR D 105 12.87 -31.59 -0.04
C TYR D 105 12.51 -32.97 -0.62
N GLY D 106 11.27 -33.41 -0.39
CA GLY D 106 10.87 -34.75 -0.79
C GLY D 106 10.44 -34.90 -2.24
N GLY D 107 9.97 -36.09 -2.60
CA GLY D 107 9.41 -36.34 -3.92
C GLY D 107 10.44 -36.91 -4.87
N THR D 108 11.69 -36.85 -4.44
CA THR D 108 12.81 -37.36 -5.19
C THR D 108 13.44 -38.44 -4.33
N GLY D 109 14.60 -38.92 -4.74
CA GLY D 109 15.32 -39.88 -3.94
C GLY D 109 16.14 -39.16 -2.88
N TYR D 110 16.51 -39.89 -1.82
CA TYR D 110 17.40 -39.36 -0.82
C TYR D 110 18.80 -39.08 -1.37
N GLY D 111 19.12 -39.63 -2.54
CA GLY D 111 20.51 -39.75 -2.97
C GLY D 111 21.34 -38.49 -3.20
N LYS D 112 20.87 -37.63 -4.09
CA LYS D 112 21.60 -36.43 -4.44
C LYS D 112 21.67 -35.46 -3.27
N GLN D 113 20.56 -35.31 -2.56
CA GLN D 113 20.53 -34.40 -1.42
C GLN D 113 21.44 -34.91 -0.30
N LYS D 114 21.42 -36.21 -0.06
CA LYS D 114 22.31 -36.81 0.94
C LYS D 114 23.76 -36.50 0.59
N GLU D 115 24.14 -36.71 -0.67
CA GLU D 115 25.51 -36.46 -1.12
C GLU D 115 25.92 -35.01 -0.88
N ALA D 116 25.04 -34.08 -1.25
CA ALA D 116 25.29 -32.66 -1.00
C ALA D 116 25.54 -32.36 0.47
N LEU D 117 24.68 -32.87 1.34
CA LEU D 117 24.84 -32.62 2.79
C LEU D 117 26.14 -33.21 3.35
N LEU D 118 26.50 -34.40 2.87
CA LEU D 118 27.73 -35.06 3.28
C LEU D 118 28.97 -34.29 2.81
N ARG D 119 28.87 -33.63 1.67
CA ARG D 119 30.00 -32.83 1.18
C ARG D 119 30.17 -31.54 1.98
N GLY D 120 29.08 -31.09 2.61
CA GLY D 120 29.14 -29.89 3.42
C GLY D 120 28.16 -28.82 2.95
N ALA D 121 27.69 -28.01 3.90
CA ALA D 121 26.70 -26.99 3.59
C ALA D 121 26.82 -25.86 4.58
N ASP D 122 26.49 -24.67 4.13
CA ASP D 122 26.54 -23.49 4.99
C ASP D 122 25.11 -23.13 5.38
N ALA D 123 24.21 -23.26 4.42
CA ALA D 123 22.80 -23.08 4.71
C ALA D 123 21.98 -24.19 4.06
N VAL D 124 20.97 -24.66 4.78
CA VAL D 124 20.02 -25.63 4.22
C VAL D 124 18.65 -24.97 4.16
N VAL D 125 18.00 -25.07 3.01
CA VAL D 125 16.61 -24.66 2.86
C VAL D 125 15.80 -25.93 2.65
N ALA D 126 14.90 -26.22 3.58
CA ALA D 126 14.34 -27.57 3.64
C ALA D 126 12.85 -27.63 3.91
N THR D 127 12.17 -28.59 3.31
CA THR D 127 10.85 -28.97 3.80
C THR D 127 11.02 -29.83 5.05
N PRO D 128 10.04 -29.79 5.95
CA PRO D 128 10.16 -30.46 7.25
C PRO D 128 10.21 -32.00 7.15
N GLY D 129 9.48 -32.59 6.22
CA GLY D 129 9.41 -34.03 6.10
C GLY D 129 10.78 -34.60 5.79
N ARG D 130 11.32 -34.19 4.64
CA ARG D 130 12.62 -34.68 4.21
C ARG D 130 13.72 -34.29 5.20
N ALA D 131 13.66 -33.07 5.73
CA ALA D 131 14.67 -32.64 6.69
C ALA D 131 14.75 -33.55 7.92
N LEU D 132 13.60 -33.90 8.47
CA LEU D 132 13.53 -34.78 9.64
C LEU D 132 14.10 -36.16 9.32
N ASP D 133 13.79 -36.66 8.12
CA ASP D 133 14.35 -37.91 7.62
C ASP D 133 15.87 -37.89 7.68
N TYR D 134 16.50 -36.83 7.18
CA TYR D 134 17.96 -36.78 7.24
C TYR D 134 18.44 -36.54 8.66
N LEU D 135 17.66 -35.84 9.47
CA LEU D 135 18.04 -35.62 10.87
C LEU D 135 18.15 -36.96 11.57
N ARG D 136 17.14 -37.80 11.38
CA ARG D 136 17.06 -39.09 12.04
C ARG D 136 18.10 -40.08 11.53
N GLN D 137 18.65 -39.82 10.34
CA GLN D 137 19.68 -40.70 9.77
C GLN D 137 21.08 -40.20 10.17
N GLY D 138 21.13 -39.06 10.85
CA GLY D 138 22.38 -38.44 11.24
C GLY D 138 23.11 -37.78 10.07
N VAL D 139 22.40 -37.57 8.97
CA VAL D 139 22.97 -36.98 7.76
C VAL D 139 22.90 -35.46 7.84
N LEU D 140 21.79 -34.96 8.37
CA LEU D 140 21.63 -33.54 8.59
C LEU D 140 21.91 -33.28 10.07
N ASP D 141 22.95 -32.50 10.33
CA ASP D 141 23.33 -32.18 11.70
C ASP D 141 23.06 -30.69 11.93
N LEU D 142 22.26 -30.37 12.94
CA LEU D 142 21.83 -28.99 13.16
C LEU D 142 22.47 -28.36 14.41
N SER D 143 23.55 -28.97 14.90
CA SER D 143 24.14 -28.55 16.16
C SER D 143 24.92 -27.23 16.05
N ARG D 144 25.24 -26.81 14.84
CA ARG D 144 26.02 -25.59 14.63
C ARG D 144 25.16 -24.44 14.10
N VAL D 145 23.86 -24.67 13.93
CA VAL D 145 22.96 -23.63 13.37
C VAL D 145 22.90 -22.34 14.22
N GLU D 146 23.19 -21.21 13.58
CA GLU D 146 23.21 -19.91 14.25
C GLU D 146 21.97 -19.10 13.90
N VAL D 147 21.42 -19.37 12.73
CA VAL D 147 20.20 -18.71 12.29
C VAL D 147 19.21 -19.75 11.81
N ALA D 148 18.02 -19.74 12.41
CA ALA D 148 16.93 -20.61 12.01
C ALA D 148 15.74 -19.76 11.60
N VAL D 149 15.19 -20.04 10.42
CA VAL D 149 14.03 -19.32 9.90
C VAL D 149 12.85 -20.25 9.68
N LEU D 150 11.66 -19.82 10.08
CA LEU D 150 10.45 -20.56 9.70
C LEU D 150 9.71 -19.69 8.70
N ASP D 151 9.68 -20.14 7.46
CA ASP D 151 9.08 -19.38 6.38
C ASP D 151 7.66 -19.88 6.12
N GLU D 152 6.70 -18.99 6.27
CA GLU D 152 5.27 -19.32 6.13
C GLU D 152 4.83 -20.33 7.20
N ALA D 153 5.01 -19.97 8.47
CA ALA D 153 4.68 -20.86 9.59
C ALA D 153 3.23 -21.34 9.62
N ASP D 154 2.30 -20.51 9.17
CA ASP D 154 0.89 -20.94 9.20
C ASP D 154 0.57 -22.00 8.15
N GLU D 155 1.32 -22.02 7.06
CA GLU D 155 1.13 -23.05 6.04
C GLU D 155 1.71 -24.37 6.52
N MET D 156 2.74 -24.28 7.36
CA MET D 156 3.38 -25.45 7.91
C MET D 156 2.46 -26.13 8.91
N LEU D 157 1.75 -25.32 9.68
CA LEU D 157 0.73 -25.83 10.58
C LEU D 157 -0.38 -26.53 9.80
N SER D 158 -0.95 -25.82 8.83
CA SER D 158 -2.10 -26.32 8.08
C SER D 158 -1.81 -27.61 7.31
N MET D 159 -0.51 -27.90 7.10
CA MET D 159 -0.12 -29.11 6.39
C MET D 159 0.37 -30.22 7.32
N GLY D 160 0.18 -30.03 8.62
CA GLY D 160 0.49 -31.04 9.61
C GLY D 160 1.96 -31.23 9.94
N PHE D 161 2.75 -30.18 9.72
CA PHE D 161 4.18 -30.25 9.99
C PHE D 161 4.57 -29.76 11.39
N GLU D 162 3.63 -29.73 12.32
CA GLU D 162 3.92 -29.22 13.67
C GLU D 162 5.05 -29.97 14.36
N GLU D 163 4.87 -31.28 14.54
CA GLU D 163 5.90 -32.12 15.16
C GLU D 163 7.28 -32.02 14.49
N GLU D 164 7.30 -32.10 13.16
CA GLU D 164 8.56 -32.08 12.42
C GLU D 164 9.32 -30.78 12.67
N VAL D 165 8.62 -29.66 12.57
CA VAL D 165 9.23 -28.37 12.80
C VAL D 165 9.81 -28.25 14.22
N GLU D 166 9.05 -28.73 15.21
CA GLU D 166 9.51 -28.65 16.59
C GLU D 166 10.69 -29.60 16.85
N ALA D 167 10.67 -30.77 16.22
CA ALA D 167 11.78 -31.69 16.34
C ALA D 167 13.04 -31.04 15.77
N LEU D 168 12.88 -30.40 14.62
CA LEU D 168 14.01 -29.75 13.94
C LEU D 168 14.51 -28.55 14.75
N LEU D 169 13.59 -27.74 15.26
CA LEU D 169 13.99 -26.61 16.10
C LEU D 169 14.67 -27.07 17.37
N SER D 170 14.17 -28.14 17.96
CA SER D 170 14.76 -28.67 19.18
C SER D 170 16.22 -29.11 18.97
N ALA D 171 16.57 -29.52 17.75
CA ALA D 171 17.93 -29.99 17.46
C ALA D 171 18.93 -28.85 17.22
N THR D 172 18.43 -27.65 16.99
CA THR D 172 19.30 -26.48 16.88
C THR D 172 19.65 -25.97 18.28
N PRO D 173 20.82 -25.34 18.42
CA PRO D 173 21.22 -24.84 19.74
C PRO D 173 20.41 -23.61 20.11
N PRO D 174 20.08 -23.46 21.41
CA PRO D 174 19.28 -22.32 21.86
C PRO D 174 20.01 -20.99 21.70
N SER D 175 21.31 -21.02 21.45
CA SER D 175 22.06 -19.79 21.21
C SER D 175 21.65 -19.14 19.89
N ARG D 176 21.01 -19.93 19.03
CA ARG D 176 20.61 -19.48 17.69
C ARG D 176 19.78 -18.19 17.72
N GLN D 177 19.82 -17.48 16.59
CA GLN D 177 18.87 -16.42 16.27
C GLN D 177 17.71 -17.06 15.52
N THR D 178 16.48 -16.68 15.85
CA THR D 178 15.33 -17.30 15.22
C THR D 178 14.45 -16.23 14.59
N LEU D 179 14.03 -16.49 13.37
CA LEU D 179 13.15 -15.57 12.64
C LEU D 179 11.92 -16.34 12.23
N LEU D 180 10.74 -15.85 12.61
CA LEU D 180 9.49 -16.48 12.21
C LEU D 180 8.68 -15.55 11.31
N PHE D 181 8.25 -16.09 10.17
CA PHE D 181 7.38 -15.37 9.25
C PHE D 181 6.06 -16.11 9.09
N SER D 182 4.96 -15.37 9.20
CA SER D 182 3.64 -15.96 9.08
C SER D 182 2.61 -14.87 8.91
N ALA D 183 1.68 -15.06 7.96
CA ALA D 183 0.64 -14.08 7.72
C ALA D 183 -0.38 -13.95 8.86
N THR D 184 -0.54 -14.99 9.68
CA THR D 184 -1.67 -15.02 10.63
C THR D 184 -1.39 -14.98 12.14
N LEU D 185 -0.33 -15.67 12.58
CA LEU D 185 -0.01 -15.88 14.00
C LEU D 185 -0.97 -16.70 14.90
N PRO D 186 -1.34 -17.89 14.45
CA PRO D 186 -2.23 -18.81 15.17
C PRO D 186 -1.62 -19.29 16.49
N SER D 187 -2.42 -20.01 17.29
CA SER D 187 -1.98 -20.50 18.58
C SER D 187 -0.62 -21.22 18.51
N TRP D 188 -0.51 -22.17 17.60
CA TRP D 188 0.74 -22.93 17.48
C TRP D 188 1.93 -22.00 17.29
N ALA D 189 1.74 -20.93 16.53
CA ALA D 189 2.80 -19.98 16.25
C ALA D 189 3.13 -19.12 17.45
N LYS D 190 2.13 -18.81 18.27
CA LYS D 190 2.41 -18.09 19.50
C LYS D 190 3.19 -18.99 20.45
N ARG D 191 2.92 -20.29 20.38
CA ARG D 191 3.66 -21.25 21.20
C ARG D 191 5.12 -21.37 20.76
N LEU D 192 5.38 -21.34 19.45
CA LEU D 192 6.75 -21.41 18.97
C LEU D 192 7.55 -20.20 19.44
N ALA D 193 6.91 -19.03 19.44
CA ALA D 193 7.58 -17.80 19.86
C ALA D 193 7.96 -17.83 21.34
N GLU D 194 7.17 -18.52 22.14
CA GLU D 194 7.42 -18.58 23.58
C GLU D 194 8.50 -19.61 23.89
N ARG D 195 8.38 -20.78 23.27
CA ARG D 195 9.29 -21.87 23.56
C ARG D 195 10.62 -21.74 22.86
N TYR D 196 10.63 -21.18 21.65
CA TYR D 196 11.82 -21.26 20.79
C TYR D 196 12.44 -19.92 20.42
N MET D 197 11.86 -18.82 20.88
CA MET D 197 12.34 -17.51 20.47
C MET D 197 12.67 -16.64 21.68
N LYS D 198 13.59 -15.70 21.51
CA LYS D 198 14.07 -14.84 22.61
C LYS D 198 13.55 -13.41 22.50
N ASN D 199 12.50 -13.10 23.26
CA ASN D 199 11.91 -11.76 23.24
C ASN D 199 11.78 -11.21 21.83
N PRO D 200 11.11 -11.97 20.95
CA PRO D 200 11.03 -11.51 19.56
C PRO D 200 10.24 -10.21 19.43
N VAL D 201 10.80 -9.29 18.65
CA VAL D 201 10.09 -8.12 18.19
C VAL D 201 9.06 -8.56 17.16
N LEU D 202 7.86 -7.98 17.22
CA LEU D 202 6.83 -8.26 16.23
C LEU D 202 6.76 -7.13 15.23
N ILE D 203 6.82 -7.49 13.95
CA ILE D 203 6.62 -6.51 12.89
C ILE D 203 5.50 -6.97 12.01
N ASN D 204 4.44 -6.16 11.95
CA ASN D 204 3.22 -6.58 11.29
C ASN D 204 2.73 -5.54 10.31
N VAL D 205 2.64 -5.91 9.03
CA VAL D 205 2.18 -4.97 8.02
C VAL D 205 0.67 -4.99 7.87
N ILE D 206 0.01 -4.01 8.48
CA ILE D 206 -1.44 -3.90 8.43
C ILE D 206 -1.87 -3.05 7.23
N1 8OD E . -21.36 6.92 2.64
C2 8OD E . -21.70 6.61 3.90
N3 8OD E . -21.70 5.38 4.43
C4 8OD E . -21.31 4.42 3.58
C5 8OD E . -20.94 4.65 2.28
C6 8OD E . -20.97 5.95 1.80
N6 8OD E . -20.60 6.26 0.49
N7 8OD E . -20.57 3.42 1.66
C8 8OD E . -20.74 2.41 2.65
O8 8OD E . -20.54 1.20 2.50
N9 8OD E . -21.21 3.01 3.84
PA 8OD E . -16.88 2.20 8.85
PB 8OD E . -14.70 3.58 7.33
C1' 8OD E . -21.48 2.37 5.15
O1A 8OD E . -16.95 0.80 9.46
O1B 8OD E . -14.96 4.88 8.14
C2' 8OD E . -21.75 0.85 5.07
O2' 8OD E . -22.96 0.55 5.77
O2A 8OD E . -17.18 3.35 9.81
O2B 8OD E . -13.20 3.23 7.15
C3' 8OD E . -20.55 0.22 5.78
O3' 8OD E . -20.88 -0.94 6.57
O3A 8OD E . -15.35 2.35 8.22
O3B 8OD E . -15.44 3.62 5.97
C4' 8OD E . -19.96 1.34 6.64
O4' 8OD E . -20.27 2.52 5.90
C5' 8OD E . -18.43 1.21 6.80
O5' 8OD E . -17.87 2.31 7.54
N1 8OD F . -16.25 -14.20 14.42
C2 8OD F . -16.04 -15.49 14.11
N3 8OD F . -16.81 -16.23 13.31
C4 8OD F . -17.86 -15.59 12.78
C5 8OD F . -18.14 -14.28 13.04
C6 8OD F . -17.30 -13.56 13.89
N6 8OD F . -17.53 -12.21 14.19
N7 8OD F . -19.32 -13.91 12.33
C8 8OD F . -19.75 -15.07 11.63
O8 8OD F . -20.75 -15.16 10.89
N9 8OD F . -18.87 -16.11 11.92
PA 8OD F . -22.43 -19.66 7.56
PB 8OD F . -22.53 -22.37 8.70
C1' 8OD F . -18.93 -17.50 11.39
O1A 8OD F . -23.09 -19.69 6.19
O1B 8OD F . -21.57 -22.64 9.88
C2' 8OD F . -20.30 -18.14 11.63
O2' 8OD F . -20.37 -18.69 12.95
O2A 8OD F . -23.33 -19.16 8.67
O2B 8OD F . -23.90 -21.90 9.20
C3' 8OD F . -20.21 -19.26 10.59
O3' 8OD F . -19.38 -20.33 11.04
O3A 8OD F . -21.83 -21.16 7.84
O3B 8OD F . -22.63 -23.51 7.68
C4' 8OD F . -19.59 -18.52 9.41
O4' 8OD F . -18.75 -17.51 9.97
C5' 8OD F . -20.69 -17.86 8.55
O5' 8OD F . -21.07 -18.73 7.49
N1 8OD G . -8.58 4.45 -30.33
C2 8OD G . -7.75 4.45 -31.39
N3 8OD G . -6.44 4.74 -31.34
C4 8OD G . -5.96 5.04 -30.13
C5 8OD G . -6.73 5.06 -29.01
C6 8OD G . -8.09 4.76 -29.12
N6 8OD G . -8.94 4.77 -28.03
N7 8OD G . -5.92 5.42 -27.88
C8 8OD G . -4.60 5.62 -28.38
O8 8OD G . -3.60 5.94 -27.71
N9 8OD G . -4.62 5.37 -29.79
PA 8OD G . 0.61 1.79 -29.28
PB 8OD G . 0.53 1.16 -26.32
C1' 8OD G . -3.50 5.47 -30.73
O1A 8OD G . 2.06 2.25 -29.45
O1B 8OD G . -0.64 0.18 -26.09
C2' 8OD G . -2.83 6.83 -30.54
O2' 8OD G . -2.97 7.57 -31.75
O2A 8OD G . 0.32 0.37 -29.74
O2B 8OD G . 1.88 0.45 -26.53
C3' 8OD G . -1.37 6.49 -30.29
O3' 8OD G . -0.50 7.40 -30.97
O3A 8OD G . 0.20 2.04 -27.69
O3B 8OD G . 0.62 2.23 -25.20
C4' 8OD G . -1.23 5.03 -30.75
O4' 8OD G . -2.51 4.46 -30.49
C5' 8OD G . -0.19 4.26 -29.93
O5' 8OD G . -0.38 2.85 -30.05
N1 8OD H . 16.52 2.56 -29.25
C2 8OD H . 17.51 2.89 -28.40
N3 8OD H . 17.67 4.10 -27.86
C4 8OD H . 16.77 5.01 -28.21
C5 8OD H . 15.73 4.76 -29.08
C6 8OD H . 15.61 3.47 -29.60
N6 8OD H . 14.59 3.11 -30.48
N7 8OD H . 14.95 5.96 -29.25
C8 8OD H . 15.58 6.95 -28.44
O8 8OD H . 15.23 8.14 -28.30
N9 8OD H . 16.70 6.36 -27.80
PA 8OD H . 17.15 12.18 -24.86
PB 8OD H . 19.99 12.86 -24.82
C1' 8OD H . 17.65 7.01 -26.89
O1A 8OD H . 16.55 13.28 -23.99
O1B 8OD H . 20.50 12.23 -26.13
C2' 8OD H . 18.15 8.30 -27.54
O2' 8OD H . 19.22 8.03 -28.44
O2A 8OD H . 17.05 12.43 -26.35
O2B 8OD H . 19.52 14.32 -25.02
C3' 8OD H . 18.65 9.02 -26.30
O3' 8OD H . 19.87 8.45 -25.84
O3A 8OD H . 18.70 11.96 -24.35
O3B 8OD H . 20.96 12.73 -23.63
C4' 8OD H . 17.49 8.74 -25.34
O4' 8OD H . 17.03 7.42 -25.66
C5' 8OD H . 16.33 9.73 -25.53
O5' 8OD H . 16.42 10.76 -24.54
P 8OP I . -1.56 35.46 31.13
O1P 8OP I . -0.54 34.33 30.96
O2P 8OP I . -0.94 36.80 31.62
O3P 8OP I . -2.77 34.97 31.98
O50 8OP I . -2.15 35.79 29.65
C50 8OP I . -3.15 36.79 29.40
C40 8OP I . -3.61 36.64 27.94
O40 8OP I . -3.98 35.30 27.64
C30 8OP I . -4.75 37.57 27.52
O30 8OP I . -4.20 38.82 27.14
C20 8OP I . -5.31 36.82 26.31
O20 8OP I . -4.72 37.24 25.08
C10 8OP I . -4.90 35.35 26.55
N9 8OP I . -6.08 34.47 26.74
C8 8OP I . -6.50 33.46 25.83
O8 8OP I . -6.00 33.22 24.72
N7 8OP I . -7.60 32.77 26.39
C5 8OP I . -7.84 33.36 27.65
C6 8OP I . -8.81 33.04 28.61
N6 8OP I . -9.72 32.01 28.42
N1 8OP I . -8.83 33.78 29.74
C2 8OP I . -7.93 34.78 29.89
N3 8OP I . -6.98 35.09 29.00
C4 8OP I . -6.95 34.39 27.87
P 8OP J . 10.48 6.95 26.92
O1P 8OP J . 10.16 7.15 25.43
O2P 8OP J . 10.65 5.46 27.30
O3P 8OP J . 9.49 7.69 27.86
O50 8OP J . 11.95 7.66 27.14
C50 8OP J . 12.51 7.88 28.44
C40 8OP J . 13.93 8.46 28.30
O40 8OP J . 14.77 7.61 27.51
C30 8OP J . 13.91 9.86 27.70
O30 8OP J . 14.44 10.81 28.63
C20 8OP J . 14.83 9.75 26.48
O20 8OP J . 15.72 10.86 26.38
C10 8OP J . 15.60 8.44 26.68
N9 8OP J . 15.96 7.81 25.36
C8 8OP J . 15.10 7.52 24.25
O8 8OP J . 13.92 7.92 24.08
N7 8OP J . 15.80 6.71 23.31
C5 8OP J . 17.10 6.49 23.86
C6 8OP J . 18.18 5.77 23.35
N6 8OP J . 18.13 5.11 22.13
N1 8OP J . 19.30 5.73 24.08
C2 8OP J . 19.33 6.38 25.26
N3 8OP J . 18.32 7.09 25.78
C4 8OP J . 17.20 7.14 25.07
N1 8OD K . -2.80 12.65 36.46
C2 8OD K . -4.08 12.95 36.14
N3 8OD K . -4.43 13.89 35.28
C4 8OD K . -3.43 14.57 34.73
C5 8OD K . -2.11 14.34 35.01
C6 8OD K . -1.79 13.34 35.91
N6 8OD K . -0.47 13.01 36.25
N7 8OD K . -1.27 15.24 34.23
C8 8OD K . -2.18 16.03 33.48
O8 8OD K . -1.90 16.95 32.69
N9 8OD K . -3.50 15.61 33.80
PA 8OD K . -4.95 19.83 29.05
PB 8OD K . -7.33 21.20 30.02
C1' 8OD K . -4.73 16.17 33.22
O1A 8OD K . -4.93 20.33 27.62
O1B 8OD K . -6.98 21.53 31.50
C2' 8OD K . -4.73 17.69 33.32
O2' 8OD K . -5.24 18.07 34.60
O2A 8OD K . -4.05 20.58 30.02
O2B 8OD K . -6.90 22.35 29.11
C3' 8OD K . -5.68 18.02 32.17
O3' 8OD K . -7.04 17.86 32.53
O3A 8OD K . -6.48 19.85 29.61
O3B 8OD K . -8.76 20.68 29.81
C4' 8OD K . -5.24 17.01 31.11
O4' 8OD K . -4.73 15.86 31.83
C5' 8OD K . -4.11 17.53 30.19
O5' 8OD K . -4.64 18.21 29.06
P 8OP L . 7.51 -13.66 -2.50
O1P 8OP L . 7.06 -14.51 -1.30
O2P 8OP L . 6.76 -12.31 -2.60
O3P 8OP L . 7.46 -14.43 -3.84
O50 8OP L . 9.10 -13.33 -2.26
C50 8OP L . 9.71 -12.25 -2.97
C40 8OP L . 10.61 -12.73 -4.12
O40 8OP L . 10.86 -11.65 -5.02
C30 8OP L . 11.98 -13.24 -3.66
O30 8OP L . 12.34 -14.44 -4.35
C20 8OP L . 12.93 -12.08 -3.99
O20 8OP L . 13.93 -12.43 -4.95
C10 8OP L . 12.02 -10.96 -4.53
N9 8OP L . 11.76 -9.88 -3.52
C8 8OP L . 11.65 -10.02 -2.08
O8 8OP L . 11.34 -11.05 -1.43
N7 8OP L . 11.97 -8.78 -1.47
C5 8OP L . 12.25 -7.86 -2.52
C6 8OP L . 12.62 -6.52 -2.48
N6 8OP L . 12.75 -5.83 -1.28
N1 8OP L . 12.84 -5.89 -3.64
C2 8OP L . 12.70 -6.58 -4.78
N3 8OP L . 12.36 -7.86 -4.88
C4 8OP L . 12.13 -8.50 -3.73
N1 8OD M . 0.04 -28.60 -2.78
C2 8OD M . -0.13 -29.60 -1.89
N3 8OD M . 0.87 -30.24 -1.28
C4 8OD M . 2.10 -29.84 -1.60
C5 8OD M . 2.34 -28.83 -2.49
C6 8OD M . 1.27 -28.18 -3.10
N6 8OD M . 1.48 -27.16 -4.01
N7 8OD M . 3.75 -28.62 -2.62
C8 8OD M . 4.36 -29.56 -1.75
O8 8OD M . 5.58 -29.71 -1.57
N9 8OD M . 3.33 -30.32 -1.13
PA 8OD M . 8.24 -33.00 2.22
PB 8OD M . 7.59 -35.86 2.50
C1' 8OD M . 3.50 -31.39 -0.15
O1A 8OD M . 9.49 -32.82 3.05
O1B 8OD M . 7.58 -36.08 0.98
C2' 8OD M . 4.49 -32.44 -0.64
O2' 8OD M . 3.82 -33.34 -1.52
O2A 8OD M . 8.45 -33.08 0.72
O2B 8OD M . 8.98 -36.16 3.12
C3' 8OD M . 4.83 -33.05 0.71
O3' 8OD M . 3.78 -33.87 1.20
O3A 8OD M . 7.32 -34.26 2.77
O3B 8OD M . 6.44 -36.58 3.24
C4' 8OD M . 4.99 -31.80 1.58
O4' 8OD M . 4.06 -30.86 1.06
C5' 8OD M . 6.39 -31.19 1.51
O5' 8OD M . 7.24 -31.71 2.53
#